data_3AJK
# 
_entry.id   3AJK 
# 
_audit_conform.dict_name       mmcif_pdbx.dic 
_audit_conform.dict_version    5.380 
_audit_conform.dict_location   http://mmcif.pdb.org/dictionaries/ascii/mmcif_pdbx.dic 
# 
loop_
_database_2.database_id 
_database_2.database_code 
_database_2.pdbx_database_accession 
_database_2.pdbx_DOI 
PDB   3AJK         pdb_00003ajk 10.2210/pdb3ajk/pdb 
NDB   NA0578       ?            ?                   
RCSB  RCSB029330   ?            ?                   
WWPDB D_1000029330 ?            ?                   
# 
loop_
_pdbx_database_related.db_name 
_pdbx_database_related.db_id 
_pdbx_database_related.details 
_pdbx_database_related.content_type 
PDB 3AJJ 'The same DNA without drug.' unspecified 
PDB 3AJL 'The same DNA with DAPI'     unspecified 
# 
_pdbx_database_status.status_code                     REL 
_pdbx_database_status.entry_id                        3AJK 
_pdbx_database_status.recvd_initial_deposition_date   2010-06-07 
_pdbx_database_status.deposit_site                    PDBJ 
_pdbx_database_status.process_site                    PDBJ 
_pdbx_database_status.status_code_sf                  REL 
_pdbx_database_status.status_code_mr                  ? 
_pdbx_database_status.SG_entry                        ? 
_pdbx_database_status.status_code_cs                  ? 
_pdbx_database_status.pdb_format_compatible           Y 
_pdbx_database_status.status_code_nmr_data            ? 
_pdbx_database_status.methods_development_category    ? 
# 
loop_
_audit_author.name 
_audit_author.pdbx_ordinal 
'Tsunoda, M.'  1 
'Sakaue, T.'   2 
'Ueno, Y.'     3 
'Matsuda, A.'  4 
'Takenaka, A.' 5 
# 
_citation.id                        primary 
_citation.title                     
'Insights into the structures of DNA damaged by hydroxyl radical: crystal structures of DNA duplexes containing 5-formyluracil' 
_citation.journal_abbrev            'J Nucleic Acids' 
_citation.journal_volume            2010 
_citation.page_first                107289 
_citation.page_last                 107289 
_citation.year                      2010 
_citation.journal_id_ASTM           ? 
_citation.country                   UK 
_citation.journal_id_ISSN           2090-0201 
_citation.journal_id_CSD            ? 
_citation.book_publisher            ? 
_citation.pdbx_database_id_PubMed   20976303 
_citation.pdbx_database_id_DOI      10.4061/2010/107289 
# 
loop_
_citation_author.citation_id 
_citation_author.name 
_citation_author.ordinal 
_citation_author.identifier_ORCID 
primary 'Tsunoda, M.'  1 ? 
primary 'Sakaue, T.'   2 ? 
primary 'Naito, S.'    3 ? 
primary 'Sunami, T.'   4 ? 
primary 'Abe, N.'      5 ? 
primary 'Ueno, Y.'     6 ? 
primary 'Matsuda, A.'  7 ? 
primary 'Takenaka, A.' 8 ? 
# 
_cell.entry_id           3AJK 
_cell.length_a           25.327 
_cell.length_b           40.331 
_cell.length_c           65.961 
_cell.angle_alpha        90.00 
_cell.angle_beta         90.00 
_cell.angle_gamma        90.00 
_cell.Z_PDB              8 
_cell.pdbx_unique_axis   ? 
_cell.length_a_esd       ? 
_cell.length_b_esd       ? 
_cell.length_c_esd       ? 
_cell.angle_alpha_esd    ? 
_cell.angle_beta_esd     ? 
_cell.angle_gamma_esd    ? 
# 
_symmetry.entry_id                         3AJK 
_symmetry.space_group_name_H-M             'P 21 21 21' 
_symmetry.pdbx_full_space_group_name_H-M   ? 
_symmetry.cell_setting                     ? 
_symmetry.Int_Tables_number                19 
_symmetry.space_group_name_Hall            ? 
# 
loop_
_entity.id 
_entity.type 
_entity.src_method 
_entity.pdbx_description 
_entity.formula_weight 
_entity.pdbx_number_of_molecules 
_entity.pdbx_ec 
_entity.pdbx_mutation 
_entity.pdbx_fragment 
_entity.details 
1 polymer     syn "5'-D(*CP*GP*CP*GP*GP*AP*TP*(UFR)P*CP*GP*CP*G*)-3'"                     3693.375 2   ? ? ? ? 
2 non-polymer syn "2'-(4-HYDROXYPHENYL)-5-(4-METHYL-1-PIPERAZINYL)-2,5'-BI-BENZIMIDAZOLE" 424.498  1   ? ? ? ? 
3 non-polymer syn 'MAGNESIUM ION'                                                         24.305   1   ? ? ? ? 
4 water       nat water                                                                   18.015   123 ? ? ? ? 
# 
_entity_poly.entity_id                      1 
_entity_poly.type                           polydeoxyribonucleotide 
_entity_poly.nstd_linkage                   no 
_entity_poly.nstd_monomer                   yes 
_entity_poly.pdbx_seq_one_letter_code       '(DC)(DG)(DC)(DG)(DG)(DA)(DT)(UFR)(DC)(DG)(DC)(DG)' 
_entity_poly.pdbx_seq_one_letter_code_can   CGCGGATUCGCG 
_entity_poly.pdbx_strand_id                 A,B 
_entity_poly.pdbx_target_identifier         ? 
# 
loop_
_entity_poly_seq.entity_id 
_entity_poly_seq.num 
_entity_poly_seq.mon_id 
_entity_poly_seq.hetero 
1 1  DC  n 
1 2  DG  n 
1 3  DC  n 
1 4  DG  n 
1 5  DG  n 
1 6  DA  n 
1 7  DT  n 
1 8  UFR n 
1 9  DC  n 
1 10 DG  n 
1 11 DC  n 
1 12 DG  n 
# 
_pdbx_entity_src_syn.entity_id              1 
_pdbx_entity_src_syn.pdbx_src_id            1 
_pdbx_entity_src_syn.pdbx_alt_source_flag   sample 
_pdbx_entity_src_syn.pdbx_beg_seq_num       ? 
_pdbx_entity_src_syn.pdbx_end_seq_num       ? 
_pdbx_entity_src_syn.organism_scientific    ? 
_pdbx_entity_src_syn.organism_common_name   ? 
_pdbx_entity_src_syn.ncbi_taxonomy_id       ? 
_pdbx_entity_src_syn.details                'Synthetic DNA' 
# 
_struct_ref.id                         1 
_struct_ref.db_name                    PDB 
_struct_ref.db_code                    3AJK 
_struct_ref.pdbx_db_accession          3AJK 
_struct_ref.entity_id                  1 
_struct_ref.pdbx_align_begin           ? 
_struct_ref.pdbx_seq_one_letter_code   ? 
_struct_ref.pdbx_db_isoform            ? 
# 
loop_
_struct_ref_seq.align_id 
_struct_ref_seq.ref_id 
_struct_ref_seq.pdbx_PDB_id_code 
_struct_ref_seq.pdbx_strand_id 
_struct_ref_seq.seq_align_beg 
_struct_ref_seq.pdbx_seq_align_beg_ins_code 
_struct_ref_seq.seq_align_end 
_struct_ref_seq.pdbx_seq_align_end_ins_code 
_struct_ref_seq.pdbx_db_accession 
_struct_ref_seq.db_align_beg 
_struct_ref_seq.pdbx_db_align_beg_ins_code 
_struct_ref_seq.db_align_end 
_struct_ref_seq.pdbx_db_align_end_ins_code 
_struct_ref_seq.pdbx_auth_seq_align_beg 
_struct_ref_seq.pdbx_auth_seq_align_end 
1 1 3AJK A 1 ? 12 ? 3AJK 1  ? 12 ? 1  12 
2 1 3AJK B 1 ? 12 ? 3AJK 13 ? 24 ? 13 24 
# 
loop_
_chem_comp.id 
_chem_comp.type 
_chem_comp.mon_nstd_flag 
_chem_comp.name 
_chem_comp.pdbx_synonyms 
_chem_comp.formula 
_chem_comp.formula_weight 
DA  'DNA linking' y "2'-DEOXYADENOSINE-5'-MONOPHOSPHATE"                                    ?               'C10 H14 N5 O6 P' 
331.222 
DC  'DNA linking' y "2'-DEOXYCYTIDINE-5'-MONOPHOSPHATE"                                     ?               'C9 H14 N3 O7 P'  
307.197 
DG  'DNA linking' y "2'-DEOXYGUANOSINE-5'-MONOPHOSPHATE"                                    ?               'C10 H14 N5 O7 P' 
347.221 
DT  'DNA linking' y "THYMIDINE-5'-MONOPHOSPHATE"                                            ?               'C10 H15 N2 O8 P' 
322.208 
HOH non-polymer   . WATER                                                                   ?               'H2 O'            
18.015  
HT  non-polymer   . "2'-(4-HYDROXYPHENYL)-5-(4-METHYL-1-PIPERAZINYL)-2,5'-BI-BENZIMIDAZOLE" 'HOECHST 33258' 'C25 H24 N6 O'    
424.498 
MG  non-polymer   . 'MAGNESIUM ION'                                                         ?               'Mg 2'            
24.305  
UFR 'DNA linking' n 
;2'-DEOXY-5-FORMYLURIDINE 5'-(DIHYDROGEN PHOSPHATE)
;
?               'C10 H13 N2 O9 P' 336.192 
# 
_exptl.entry_id          3AJK 
_exptl.method            'X-RAY DIFFRACTION' 
_exptl.crystals_number   1 
# 
_exptl_crystal.id                    1 
_exptl_crystal.density_meas          ? 
_exptl_crystal.density_Matthews      2.28 
_exptl_crystal.density_percent_sol   46.06 
_exptl_crystal.description           ? 
_exptl_crystal.F_000                 ? 
_exptl_crystal.preparation           ? 
# 
_exptl_crystal_grow.crystal_id      1 
_exptl_crystal_grow.method          'VAPOR DIFFUSION, HANGING DROP' 
_exptl_crystal_grow.temp            277 
_exptl_crystal_grow.temp_details    ? 
_exptl_crystal_grow.pH              7.0 
_exptl_crystal_grow.pdbx_details    
;20mM Na cacodylate, 0.5mM Spermine, 40mM NaCl, 10mM MgCl2, 5% MPD, 0.5mM Hoechst33258, pH 7.0, VAPOR DIFFUSION, HANGING DROP, temperature 277K
;
_exptl_crystal_grow.pdbx_pH_range   ? 
# 
_diffrn.id                     1 
_diffrn.ambient_temp           100 
_diffrn.ambient_temp_details   ? 
_diffrn.crystal_id             1 
# 
_diffrn_detector.diffrn_id              1 
_diffrn_detector.detector               CCD 
_diffrn_detector.type                   'ADSC QUANTUM 4' 
_diffrn_detector.pdbx_collection_date   2001-05-12 
_diffrn_detector.details                ? 
# 
_diffrn_radiation.diffrn_id                        1 
_diffrn_radiation.wavelength_id                    1 
_diffrn_radiation.pdbx_monochromatic_or_laue_m_l   M 
_diffrn_radiation.monochromator                    ? 
_diffrn_radiation.pdbx_diffrn_protocol             'SINGLE WAVELENGTH' 
_diffrn_radiation.pdbx_scattering_type             x-ray 
# 
_diffrn_radiation_wavelength.id           1 
_diffrn_radiation_wavelength.wavelength   1.0 
_diffrn_radiation_wavelength.wt           1.0 
# 
_diffrn_source.diffrn_id                   1 
_diffrn_source.source                      SYNCHROTRON 
_diffrn_source.type                        'PHOTON FACTORY BEAMLINE BL-18B' 
_diffrn_source.pdbx_synchrotron_site       'Photon Factory' 
_diffrn_source.pdbx_synchrotron_beamline   BL-18B 
_diffrn_source.pdbx_wavelength             ? 
_diffrn_source.pdbx_wavelength_list        1.0 
# 
_reflns.entry_id                     3AJK 
_reflns.observed_criterion_sigma_I   ? 
_reflns.observed_criterion_sigma_F   ? 
_reflns.d_resolution_low             34.5 
_reflns.d_resolution_high            1.95 
_reflns.number_obs                   5312 
_reflns.number_all                   ? 
_reflns.percent_possible_obs         99.9 
_reflns.pdbx_Rmerge_I_obs            0.042 
_reflns.pdbx_Rsym_value              0.040 
_reflns.B_iso_Wilson_estimate        ? 
_reflns.pdbx_redundancy              ? 
_reflns.pdbx_netI_over_sigmaI        ? 
_reflns.R_free_details               ? 
_reflns.limit_h_max                  ? 
_reflns.limit_h_min                  ? 
_reflns.limit_k_max                  ? 
_reflns.limit_k_min                  ? 
_reflns.limit_l_max                  ? 
_reflns.limit_l_min                  ? 
_reflns.observed_criterion_F_max     ? 
_reflns.observed_criterion_F_min     ? 
_reflns.pdbx_chi_squared             ? 
_reflns.pdbx_scaling_rejects         ? 
_reflns.pdbx_diffrn_id               1 
_reflns.pdbx_ordinal                 1 
# 
_reflns_shell.d_res_high             1.95 
_reflns_shell.d_res_low              2.06 
_reflns_shell.percent_possible_all   100.0 
_reflns_shell.Rmerge_I_obs           0.331 
_reflns_shell.pdbx_Rsym_value        0.306 
_reflns_shell.meanI_over_sigI_obs    ? 
_reflns_shell.pdbx_redundancy        ? 
_reflns_shell.percent_possible_obs   ? 
_reflns_shell.number_unique_all      ? 
_reflns_shell.number_measured_all    ? 
_reflns_shell.number_measured_obs    ? 
_reflns_shell.number_unique_obs      ? 
_reflns_shell.pdbx_chi_squared       ? 
_reflns_shell.pdbx_diffrn_id         ? 
_reflns_shell.pdbx_ordinal           1 
# 
_refine.entry_id                                 3AJK 
_refine.ls_number_reflns_obs                     4716 
_refine.ls_number_reflns_all                     ? 
_refine.pdbx_ls_sigma_I                          ? 
_refine.pdbx_ls_sigma_F                          ? 
_refine.pdbx_data_cutoff_high_absF               ? 
_refine.pdbx_data_cutoff_low_absF                ? 
_refine.pdbx_data_cutoff_high_rms_absF           ? 
_refine.ls_d_res_low                             10.00 
_refine.ls_d_res_high                            1.95 
_refine.ls_percent_reflns_obs                    99.83 
_refine.ls_R_factor_obs                          0.20866 
_refine.ls_R_factor_all                          ? 
_refine.ls_R_factor_R_work                       0.20254 
_refine.ls_R_factor_R_free                       0.26103 
_refine.ls_R_factor_R_free_error                 ? 
_refine.ls_R_factor_R_free_error_details         ? 
_refine.ls_percent_reflns_R_free                 9.8 
_refine.ls_number_reflns_R_free                  513 
_refine.ls_number_parameters                     ? 
_refine.ls_number_restraints                     ? 
_refine.occupancy_min                            ? 
_refine.occupancy_max                            ? 
_refine.correlation_coeff_Fo_to_Fc               0.966 
_refine.correlation_coeff_Fo_to_Fc_free          0.949 
_refine.B_iso_mean                               34.746 
_refine.aniso_B[1][1]                            2.42 
_refine.aniso_B[2][2]                            -0.77 
_refine.aniso_B[3][3]                            -1.65 
_refine.aniso_B[1][2]                            0.00 
_refine.aniso_B[1][3]                            0.00 
_refine.aniso_B[2][3]                            0.00 
_refine.solvent_model_details                    MASK 
_refine.solvent_model_param_ksol                 ? 
_refine.solvent_model_param_bsol                 ? 
_refine.pdbx_solvent_vdw_probe_radii             1.40 
_refine.pdbx_solvent_ion_probe_radii             0.80 
_refine.pdbx_solvent_shrinkage_radii             0.80 
_refine.pdbx_ls_cross_valid_method               THROUGHOUT 
_refine.details                                  'HYDROGENS HAVE BEEN ADDED IN THE RIDING POSITIONS' 
_refine.pdbx_starting_model                      'PDB ENTRY 355D' 
_refine.pdbx_method_to_determine_struct          'MOLECULAR REPLACEMENT' 
_refine.pdbx_isotropic_thermal_model             ? 
_refine.pdbx_stereochemistry_target_values       'MAXIMUM LIKELIHOOD' 
_refine.pdbx_stereochem_target_val_spec_case     ? 
_refine.pdbx_R_Free_selection_details            RANDOM 
_refine.pdbx_overall_ESU_R_Free                  0.195 
_refine.overall_SU_ML                            0.133 
_refine.overall_SU_B                             4.704 
_refine.overall_SU_R_Cruickshank_DPI             ? 
_refine.ls_redundancy_reflns_obs                 ? 
_refine.B_iso_min                                ? 
_refine.B_iso_max                                ? 
_refine.overall_SU_R_free                        ? 
_refine.ls_wR_factor_R_free                      ? 
_refine.ls_wR_factor_R_work                      ? 
_refine.overall_FOM_free_R_set                   ? 
_refine.overall_FOM_work_R_set                   ? 
_refine.pdbx_overall_phase_error                 ? 
_refine.pdbx_refine_id                           'X-RAY DIFFRACTION' 
_refine.pdbx_overall_ESU_R                       ? 
_refine.pdbx_diffrn_id                           1 
_refine.pdbx_TLS_residual_ADP_flag               ? 
_refine.pdbx_overall_SU_R_free_Cruickshank_DPI   ? 
_refine.pdbx_overall_SU_R_Blow_DPI               ? 
_refine.pdbx_overall_SU_R_free_Blow_DPI          ? 
# 
_refine_hist.pdbx_refine_id                   'X-RAY DIFFRACTION' 
_refine_hist.cycle_id                         LAST 
_refine_hist.pdbx_number_atoms_protein        0 
_refine_hist.pdbx_number_atoms_nucleic_acid   490 
_refine_hist.pdbx_number_atoms_ligand         33 
_refine_hist.number_atoms_solvent             123 
_refine_hist.number_atoms_total               646 
_refine_hist.d_res_high                       1.95 
_refine_hist.d_res_low                        10.00 
# 
loop_
_refine_ls_restr.type 
_refine_ls_restr.dev_ideal 
_refine_ls_restr.dev_ideal_target 
_refine_ls_restr.weight 
_refine_ls_restr.number 
_refine_ls_restr.pdbx_refine_id 
_refine_ls_restr.pdbx_restraint_function 
r_bond_refined_d             0.019 0.021 ? 587 'X-RAY DIFFRACTION' ? 
r_bond_other_d               ?     ?     ? ?   'X-RAY DIFFRACTION' ? 
r_angle_refined_deg          3.096 3.000 ? 898 'X-RAY DIFFRACTION' ? 
r_angle_other_deg            ?     ?     ? ?   'X-RAY DIFFRACTION' ? 
r_dihedral_angle_1_deg       ?     ?     ? ?   'X-RAY DIFFRACTION' ? 
r_dihedral_angle_2_deg       ?     ?     ? ?   'X-RAY DIFFRACTION' ? 
r_dihedral_angle_3_deg       ?     ?     ? ?   'X-RAY DIFFRACTION' ? 
r_dihedral_angle_4_deg       ?     ?     ? ?   'X-RAY DIFFRACTION' ? 
r_chiral_restr               0.136 0.200 ? 96  'X-RAY DIFFRACTION' ? 
r_gen_planes_refined         0.017 0.020 ? 284 'X-RAY DIFFRACTION' ? 
r_gen_planes_other           ?     ?     ? ?   'X-RAY DIFFRACTION' ? 
r_nbd_refined                ?     ?     ? ?   'X-RAY DIFFRACTION' ? 
r_nbd_other                  ?     ?     ? ?   'X-RAY DIFFRACTION' ? 
r_nbtor_refined              ?     ?     ? ?   'X-RAY DIFFRACTION' ? 
r_nbtor_other                ?     ?     ? ?   'X-RAY DIFFRACTION' ? 
r_xyhbond_nbd_refined        ?     ?     ? ?   'X-RAY DIFFRACTION' ? 
r_xyhbond_nbd_other          ?     ?     ? ?   'X-RAY DIFFRACTION' ? 
r_metal_ion_refined          ?     ?     ? ?   'X-RAY DIFFRACTION' ? 
r_metal_ion_other            ?     ?     ? ?   'X-RAY DIFFRACTION' ? 
r_symmetry_vdw_refined       ?     ?     ? ?   'X-RAY DIFFRACTION' ? 
r_symmetry_vdw_other         ?     ?     ? ?   'X-RAY DIFFRACTION' ? 
r_symmetry_hbond_refined     ?     ?     ? ?   'X-RAY DIFFRACTION' ? 
r_symmetry_hbond_other       ?     ?     ? ?   'X-RAY DIFFRACTION' ? 
r_symmetry_metal_ion_refined ?     ?     ? ?   'X-RAY DIFFRACTION' ? 
r_symmetry_metal_ion_other   ?     ?     ? ?   'X-RAY DIFFRACTION' ? 
r_mcbond_it                  ?     ?     ? ?   'X-RAY DIFFRACTION' ? 
r_mcbond_other               ?     ?     ? ?   'X-RAY DIFFRACTION' ? 
r_mcangle_it                 ?     ?     ? ?   'X-RAY DIFFRACTION' ? 
r_scbond_it                  2.956 3.000 ? 587 'X-RAY DIFFRACTION' ? 
r_scangle_it                 4.065 4.500 ? 898 'X-RAY DIFFRACTION' ? 
r_rigid_bond_restr           ?     ?     ? ?   'X-RAY DIFFRACTION' ? 
r_sphericity_free            ?     ?     ? ?   'X-RAY DIFFRACTION' ? 
r_sphericity_bonded          ?     ?     ? ?   'X-RAY DIFFRACTION' ? 
# 
_refine_ls_shell.pdbx_total_number_of_bins_used   20 
_refine_ls_shell.d_res_high                       1.950 
_refine_ls_shell.d_res_low                        1.999 
_refine_ls_shell.number_reflns_R_work             325 
_refine_ls_shell.R_factor_R_work                  0.299 
_refine_ls_shell.percent_reflns_obs               100.00 
_refine_ls_shell.R_factor_R_free                  0.405 
_refine_ls_shell.R_factor_R_free_error            ? 
_refine_ls_shell.percent_reflns_R_free            ? 
_refine_ls_shell.number_reflns_R_free             34 
_refine_ls_shell.number_reflns_all                ? 
_refine_ls_shell.R_factor_all                     ? 
_refine_ls_shell.number_reflns_obs                ? 
_refine_ls_shell.redundancy_reflns_obs            ? 
_refine_ls_shell.pdbx_refine_id                   'X-RAY DIFFRACTION' 
# 
_struct.entry_id                  3AJK 
_struct.title                     
'Crystal structure of d(CGCGGATf5UCGCG): 5-Formyluridine:Guanosine Base-pair in B-DNA with Hoechst33258' 
_struct.pdbx_model_details        ? 
_struct.pdbx_CASP_flag            ? 
_struct.pdbx_model_type_details   ? 
# 
_struct_keywords.entry_id        3AJK 
_struct_keywords.pdbx_keywords   DNA 
_struct_keywords.text            'DOUBLE HELIX, DNA' 
# 
loop_
_struct_asym.id 
_struct_asym.pdbx_blank_PDB_chainid_flag 
_struct_asym.pdbx_modified 
_struct_asym.entity_id 
_struct_asym.details 
A N N 1 ? 
B N N 1 ? 
C N N 2 ? 
D N N 3 ? 
E N N 4 ? 
F N N 4 ? 
# 
_struct_biol.id        1 
_struct_biol.details   ? 
# 
loop_
_struct_conn.id 
_struct_conn.conn_type_id 
_struct_conn.pdbx_leaving_atom_flag 
_struct_conn.pdbx_PDB_id 
_struct_conn.ptnr1_label_asym_id 
_struct_conn.ptnr1_label_comp_id 
_struct_conn.ptnr1_label_seq_id 
_struct_conn.ptnr1_label_atom_id 
_struct_conn.pdbx_ptnr1_label_alt_id 
_struct_conn.pdbx_ptnr1_PDB_ins_code 
_struct_conn.pdbx_ptnr1_standard_comp_id 
_struct_conn.ptnr1_symmetry 
_struct_conn.ptnr2_label_asym_id 
_struct_conn.ptnr2_label_comp_id 
_struct_conn.ptnr2_label_seq_id 
_struct_conn.ptnr2_label_atom_id 
_struct_conn.pdbx_ptnr2_label_alt_id 
_struct_conn.pdbx_ptnr2_PDB_ins_code 
_struct_conn.ptnr1_auth_asym_id 
_struct_conn.ptnr1_auth_comp_id 
_struct_conn.ptnr1_auth_seq_id 
_struct_conn.ptnr2_auth_asym_id 
_struct_conn.ptnr2_auth_comp_id 
_struct_conn.ptnr2_auth_seq_id 
_struct_conn.ptnr2_symmetry 
_struct_conn.pdbx_ptnr3_label_atom_id 
_struct_conn.pdbx_ptnr3_label_seq_id 
_struct_conn.pdbx_ptnr3_label_comp_id 
_struct_conn.pdbx_ptnr3_label_asym_id 
_struct_conn.pdbx_ptnr3_label_alt_id 
_struct_conn.pdbx_ptnr3_PDB_ins_code 
_struct_conn.details 
_struct_conn.pdbx_dist_value 
_struct_conn.pdbx_value_order 
_struct_conn.pdbx_role 
covale1  covale both ? A DT  7  "O3'" ? ? ? 1_555 A UFR 8  P  ? ? A DT  7   A UFR 8    1_555 ? ? ? ? ? ? ?                1.563 ? 
? 
covale2  covale both ? B DT  7  "O3'" ? ? ? 1_555 B UFR 8  P  ? ? B DT  19  B UFR 20   1_555 ? ? ? ? ? ? ?                1.633 ? 
? 
metalc1  metalc ?    ? D MG  .  MG    ? ? ? 1_555 E HOH .  O  ? ? A MG  101 A HOH 1003 1_555 ? ? ? ? ? ? ?                1.912 ? 
? 
metalc2  metalc ?    ? D MG  .  MG    ? ? ? 1_555 E HOH .  O  ? ? A MG  101 A HOH 1009 1_555 ? ? ? ? ? ? ?                2.068 ? 
? 
metalc3  metalc ?    ? D MG  .  MG    ? ? ? 1_555 E HOH .  O  ? ? A MG  101 A HOH 1010 1_555 ? ? ? ? ? ? ?                1.956 ? 
? 
metalc4  metalc ?    ? D MG  .  MG    ? ? ? 1_555 E HOH .  O  ? ? A MG  101 A HOH 1016 1_555 ? ? ? ? ? ? ?                2.203 ? 
? 
metalc5  metalc ?    ? D MG  .  MG    ? ? ? 1_555 E HOH .  O  ? ? A MG  101 A HOH 1050 1_555 ? ? ? ? ? ? ?                2.089 ? 
? 
metalc6  metalc ?    ? D MG  .  MG    ? ? ? 1_555 E HOH .  O  ? ? A MG  101 A HOH 1060 1_555 ? ? ? ? ? ? ?                2.000 ? 
? 
hydrog1  hydrog ?    ? A DC  1  N3    ? ? ? 1_555 B DG  12 N1 ? ? A DC  1   B DG  24   1_555 ? ? ? ? ? ? WATSON-CRICK     ?     ? 
? 
hydrog2  hydrog ?    ? A DC  1  N4    ? ? ? 1_555 B DG  12 O6 ? ? A DC  1   B DG  24   1_555 ? ? ? ? ? ? WATSON-CRICK     ?     ? 
? 
hydrog3  hydrog ?    ? A DC  1  O2    ? ? ? 1_555 B DG  12 N2 ? ? A DC  1   B DG  24   1_555 ? ? ? ? ? ? WATSON-CRICK     ?     ? 
? 
hydrog4  hydrog ?    ? A DG  2  N1    ? ? ? 1_555 B DC  11 N3 ? ? A DG  2   B DC  23   1_555 ? ? ? ? ? ? WATSON-CRICK     ?     ? 
? 
hydrog5  hydrog ?    ? A DG  2  N2    ? ? ? 1_555 B DC  11 O2 ? ? A DG  2   B DC  23   1_555 ? ? ? ? ? ? WATSON-CRICK     ?     ? 
? 
hydrog6  hydrog ?    ? A DG  2  O6    ? ? ? 1_555 B DC  11 N4 ? ? A DG  2   B DC  23   1_555 ? ? ? ? ? ? WATSON-CRICK     ?     ? 
? 
hydrog7  hydrog ?    ? A DC  3  N3    ? ? ? 1_555 B DG  10 N1 ? ? A DC  3   B DG  22   1_555 ? ? ? ? ? ? WATSON-CRICK     ?     ? 
? 
hydrog8  hydrog ?    ? A DC  3  N4    ? ? ? 1_555 B DG  10 O6 ? ? A DC  3   B DG  22   1_555 ? ? ? ? ? ? WATSON-CRICK     ?     ? 
? 
hydrog9  hydrog ?    ? A DC  3  O2    ? ? ? 1_555 B DG  10 N2 ? ? A DC  3   B DG  22   1_555 ? ? ? ? ? ? WATSON-CRICK     ?     ? 
? 
hydrog10 hydrog ?    ? A DG  4  N1    ? ? ? 1_555 B DC  9  N3 ? ? A DG  4   B DC  21   1_555 ? ? ? ? ? ? WATSON-CRICK     ?     ? 
? 
hydrog11 hydrog ?    ? A DG  4  N2    ? ? ? 1_555 B DC  9  O2 ? ? A DG  4   B DC  21   1_555 ? ? ? ? ? ? WATSON-CRICK     ?     ? 
? 
hydrog12 hydrog ?    ? A DG  4  O6    ? ? ? 1_555 B DC  9  N4 ? ? A DG  4   B DC  21   1_555 ? ? ? ? ? ? WATSON-CRICK     ?     ? 
? 
hydrog13 hydrog ?    ? A DG  5  N1    ? ? ? 1_555 B UFR 8  O2 ? ? A DG  5   B UFR 20   1_555 ? ? ? ? ? ? TYPE_28_PAIR     ?     ? 
? 
hydrog14 hydrog ?    ? A DG  5  O6    ? ? ? 1_555 B UFR 8  N3 ? ? A DG  5   B UFR 20   1_555 ? ? ? ? ? ? TYPE_28_PAIR     ?     ? 
? 
hydrog15 hydrog ?    ? A DA  6  N1    ? ? ? 1_555 B DT  7  N3 ? ? A DA  6   B DT  19   1_555 ? ? ? ? ? ? WATSON-CRICK     ?     ? 
? 
hydrog16 hydrog ?    ? A DA  6  N6    ? ? ? 1_555 B DT  7  O4 ? ? A DA  6   B DT  19   1_555 ? ? ? ? ? ? WATSON-CRICK     ?     ? 
? 
hydrog17 hydrog ?    ? A DT  7  N3    ? ? ? 1_555 B DA  6  N1 ? ? A DT  7   B DA  18   1_555 ? ? ? ? ? ? WATSON-CRICK     ?     ? 
? 
hydrog18 hydrog ?    ? A DT  7  O4    ? ? ? 1_555 B DA  6  N6 ? ? A DT  7   B DA  18   1_555 ? ? ? ? ? ? WATSON-CRICK     ?     ? 
? 
hydrog19 hydrog ?    ? A UFR 8  O4    ? ? ? 1_555 B DG  5  N1 ? ? A UFR 8   B DG  17   1_555 ? ? ? ? ? ? 'UFR-DG MISPAIR' ?     ? 
? 
hydrog20 hydrog ?    ? A DC  9  N3    ? ? ? 1_555 B DG  4  N1 ? ? A DC  9   B DG  16   1_555 ? ? ? ? ? ? WATSON-CRICK     ?     ? 
? 
hydrog21 hydrog ?    ? A DC  9  N4    ? ? ? 1_555 B DG  4  O6 ? ? A DC  9   B DG  16   1_555 ? ? ? ? ? ? WATSON-CRICK     ?     ? 
? 
hydrog22 hydrog ?    ? A DC  9  O2    ? ? ? 1_555 B DG  4  N2 ? ? A DC  9   B DG  16   1_555 ? ? ? ? ? ? WATSON-CRICK     ?     ? 
? 
hydrog23 hydrog ?    ? A DG  10 N1    ? ? ? 1_555 B DC  3  N3 ? ? A DG  10  B DC  15   1_555 ? ? ? ? ? ? WATSON-CRICK     ?     ? 
? 
hydrog24 hydrog ?    ? A DG  10 N2    ? ? ? 1_555 B DC  3  O2 ? ? A DG  10  B DC  15   1_555 ? ? ? ? ? ? WATSON-CRICK     ?     ? 
? 
hydrog25 hydrog ?    ? A DG  10 O6    ? ? ? 1_555 B DC  3  N4 ? ? A DG  10  B DC  15   1_555 ? ? ? ? ? ? WATSON-CRICK     ?     ? 
? 
hydrog26 hydrog ?    ? A DC  11 N3    ? ? ? 1_555 B DG  2  N1 ? ? A DC  11  B DG  14   1_555 ? ? ? ? ? ? WATSON-CRICK     ?     ? 
? 
hydrog27 hydrog ?    ? A DC  11 N4    ? ? ? 1_555 B DG  2  O6 ? ? A DC  11  B DG  14   1_555 ? ? ? ? ? ? WATSON-CRICK     ?     ? 
? 
hydrog28 hydrog ?    ? A DC  11 O2    ? ? ? 1_555 B DG  2  N2 ? ? A DC  11  B DG  14   1_555 ? ? ? ? ? ? WATSON-CRICK     ?     ? 
? 
hydrog29 hydrog ?    ? A DG  12 N1    ? ? ? 1_555 B DC  1  N3 ? ? A DG  12  B DC  13   1_555 ? ? ? ? ? ? WATSON-CRICK     ?     ? 
? 
hydrog30 hydrog ?    ? A DG  12 N2    ? ? ? 1_555 B DC  1  O2 ? ? A DG  12  B DC  13   1_555 ? ? ? ? ? ? WATSON-CRICK     ?     ? 
? 
hydrog31 hydrog ?    ? A DG  12 O6    ? ? ? 1_555 B DC  1  N4 ? ? A DG  12  B DC  13   1_555 ? ? ? ? ? ? WATSON-CRICK     ?     ? 
? 
# 
loop_
_struct_conn_type.id 
_struct_conn_type.criteria 
_struct_conn_type.reference 
covale ? ? 
metalc ? ? 
hydrog ? ? 
# 
loop_
_struct_site.id 
_struct_site.pdbx_evidence_code 
_struct_site.pdbx_auth_asym_id 
_struct_site.pdbx_auth_comp_id 
_struct_site.pdbx_auth_seq_id 
_struct_site.pdbx_auth_ins_code 
_struct_site.pdbx_num_residues 
_struct_site.details 
AC1 Software A HT 25 ? 12 'BINDING SITE FOR RESIDUE HT A 25' 
1   ?        ? ?  ?  ? ?  ?                                  
# 
loop_
_struct_site_gen.id 
_struct_site_gen.site_id 
_struct_site_gen.pdbx_num_res 
_struct_site_gen.label_comp_id 
_struct_site_gen.label_asym_id 
_struct_site_gen.label_seq_id 
_struct_site_gen.pdbx_auth_ins_code 
_struct_site_gen.auth_comp_id 
_struct_site_gen.auth_asym_id 
_struct_site_gen.auth_seq_id 
_struct_site_gen.label_atom_id 
_struct_site_gen.label_alt_id 
_struct_site_gen.symmetry 
_struct_site_gen.details 
1  AC1 12 DA  A 6  ? DA  A 6  . ? 1_555 ? 
2  AC1 12 DT  A 7  ? DT  A 7  . ? 1_555 ? 
3  AC1 12 UFR A 8  ? UFR A 8  . ? 1_555 ? 
4  AC1 12 DC  A 9  ? DC  A 9  . ? 1_555 ? 
5  AC1 12 DG  A 10 ? DG  A 10 . ? 1_555 ? 
6  AC1 12 DC  A 11 ? DC  A 11 . ? 1_555 ? 
7  AC1 12 DG  B 4  ? DG  B 16 . ? 1_555 ? 
8  AC1 12 DA  B 6  ? DA  B 18 . ? 1_555 ? 
9  AC1 12 DT  B 7  ? DT  B 19 . ? 1_555 ? 
10 AC1 12 UFR B 8  ? UFR B 20 . ? 1_555 ? 
11 AC1 12 DC  B 9  ? DC  B 21 . ? 1_555 ? 
12 AC1 12 DG  B 12 ? DG  B 24 . ? 2_555 ? 
# 
_atom_sites.entry_id                    3AJK 
_atom_sites.fract_transf_matrix[1][1]   -0.01205387 
_atom_sites.fract_transf_matrix[1][2]   0.00285702 
_atom_sites.fract_transf_matrix[1][3]   0.03749037 
_atom_sites.fract_transf_matrix[2][1]   0.02065322 
_atom_sites.fract_transf_matrix[2][2]   -0.01147863 
_atom_sites.fract_transf_matrix[2][3]   0.00751515 
_atom_sites.fract_transf_matrix[3][1]   0.00699631 
_atom_sites.fract_transf_matrix[3][2]   0.01339281 
_atom_sites.fract_transf_matrix[3][3]   0.00122883 
_atom_sites.fract_transf_vector[1]      0.421689 
_atom_sites.fract_transf_vector[2]      0.016110 
_atom_sites.fract_transf_vector[3]      0.381403 
# 
loop_
_atom_type.symbol 
C  
MG 
N  
O  
P  
# 
loop_
_atom_site.group_PDB 
_atom_site.id 
_atom_site.type_symbol 
_atom_site.label_atom_id 
_atom_site.label_alt_id 
_atom_site.label_comp_id 
_atom_site.label_asym_id 
_atom_site.label_entity_id 
_atom_site.label_seq_id 
_atom_site.pdbx_PDB_ins_code 
_atom_site.Cartn_x 
_atom_site.Cartn_y 
_atom_site.Cartn_z 
_atom_site.occupancy 
_atom_site.B_iso_or_equiv 
_atom_site.pdbx_formal_charge 
_atom_site.auth_seq_id 
_atom_site.auth_comp_id 
_atom_site.auth_asym_id 
_atom_site.auth_atom_id 
_atom_site.pdbx_PDB_model_num 
ATOM   1   O  "O5'" A DC  A 1 1  ? 4.298   -22.098 -1.441  0.50 26.60 ? 1    DC  A "O5'" 1 
ATOM   2   O  "O5'" B DC  A 1 1  ? 5.940   -21.304 -2.261  0.50 20.81 ? 1    DC  A "O5'" 1 
ATOM   3   C  "C5'" . DC  A 1 1  ? 4.696   -20.789 -1.729  1.00 24.52 ? 1    DC  A "C5'" 1 
ATOM   4   C  "C4'" . DC  A 1 1  ? 3.792   -20.380 -2.917  1.00 26.19 ? 1    DC  A "C4'" 1 
ATOM   5   O  "O4'" . DC  A 1 1  ? 2.401   -20.330 -2.552  1.00 25.97 ? 1    DC  A "O4'" 1 
ATOM   6   C  "C3'" . DC  A 1 1  ? 4.157   -18.982 -3.412  1.00 29.48 ? 1    DC  A "C3'" 1 
ATOM   7   O  "O3'" . DC  A 1 1  ? 4.044   -19.033 -4.834  1.00 39.13 ? 1    DC  A "O3'" 1 
ATOM   8   C  "C2'" . DC  A 1 1  ? 3.119   -18.111 -2.765  1.00 28.19 ? 1    DC  A "C2'" 1 
ATOM   9   C  "C1'" . DC  A 1 1  ? 1.900   -19.010 -2.767  1.00 23.62 ? 1    DC  A "C1'" 1 
ATOM   10  N  N1    . DC  A 1 1  ? 0.809   -18.832 -1.745  1.00 23.10 ? 1    DC  A N1    1 
ATOM   11  C  C2    . DC  A 1 1  ? -0.544  -18.882 -2.197  1.00 25.58 ? 1    DC  A C2    1 
ATOM   12  O  O2    . DC  A 1 1  ? -0.747  -19.047 -3.418  1.00 28.52 ? 1    DC  A O2    1 
ATOM   13  N  N3    . DC  A 1 1  ? -1.561  -18.735 -1.315  1.00 24.39 ? 1    DC  A N3    1 
ATOM   14  C  C4    . DC  A 1 1  ? -1.311  -18.573 0.001   1.00 25.56 ? 1    DC  A C4    1 
ATOM   15  N  N4    . DC  A 1 1  ? -2.318  -18.467 0.893   1.00 24.68 ? 1    DC  A N4    1 
ATOM   16  C  C5    . DC  A 1 1  ? 0.051   -18.543 0.454   1.00 25.59 ? 1    DC  A C5    1 
ATOM   17  C  C6    . DC  A 1 1  ? 1.055   -18.655 -0.424  1.00 23.75 ? 1    DC  A C6    1 
ATOM   18  P  P     . DG  A 1 2  ? 4.874   -17.995 -5.743  1.00 42.23 ? 2    DG  A P     1 
ATOM   19  O  OP1   . DG  A 1 2  ? 5.354   -18.797 -6.899  1.00 48.17 ? 2    DG  A OP1   1 
ATOM   20  O  OP2   . DG  A 1 2  ? 5.857   -17.194 -4.990  1.00 41.84 ? 2    DG  A OP2   1 
ATOM   21  O  "O5'" . DG  A 1 2  ? 3.663   -17.114 -6.261  1.00 39.63 ? 2    DG  A "O5'" 1 
ATOM   22  C  "C5'" . DG  A 1 2  ? 2.687   -17.779 -7.040  1.00 36.92 ? 2    DG  A "C5'" 1 
ATOM   23  C  "C4'" . DG  A 1 2  ? 1.651   -16.742 -7.345  1.00 36.19 ? 2    DG  A "C4'" 1 
ATOM   24  O  "O4'" . DG  A 1 2  ? 0.727   -16.685 -6.239  1.00 33.55 ? 2    DG  A "O4'" 1 
ATOM   25  C  "C3'" . DG  A 1 2  ? 2.193   -15.331 -7.557  1.00 35.87 ? 2    DG  A "C3'" 1 
ATOM   26  O  "O3'" . DG  A 1 2  ? 1.612   -14.904 -8.800  1.00 35.13 ? 2    DG  A "O3'" 1 
ATOM   27  C  "C2'" . DG  A 1 2  ? 1.643   -14.585 -6.350  1.00 29.90 ? 2    DG  A "C2'" 1 
ATOM   28  C  "C1'" . DG  A 1 2  ? 0.373   -15.370 -5.999  1.00 28.78 ? 2    DG  A "C1'" 1 
ATOM   29  N  N9    . DG  A 1 2  ? 0.055   -15.339 -4.548  1.00 26.30 ? 2    DG  A N9    1 
ATOM   30  C  C8    . DG  A 1 2  ? 1.021   -15.359 -3.548  1.00 23.65 ? 2    DG  A C8    1 
ATOM   31  N  N7    . DG  A 1 2  ? 0.481   -15.350 -2.326  1.00 24.48 ? 2    DG  A N7    1 
ATOM   32  C  C5    . DG  A 1 2  ? -0.919  -15.331 -2.578  1.00 23.46 ? 2    DG  A C5    1 
ATOM   33  C  C6    . DG  A 1 2  ? -2.049  -15.281 -1.669  1.00 22.89 ? 2    DG  A C6    1 
ATOM   34  O  O6    . DG  A 1 2  ? -1.995  -15.270 -0.408  1.00 22.14 ? 2    DG  A O6    1 
ATOM   35  N  N1    . DG  A 1 2  ? -3.287  -15.273 -2.364  1.00 22.75 ? 2    DG  A N1    1 
ATOM   36  C  C2    . DG  A 1 2  ? -3.462  -15.277 -3.718  1.00 24.22 ? 2    DG  A C2    1 
ATOM   37  N  N2    . DG  A 1 2  ? -4.752  -15.243 -4.221  1.00 22.82 ? 2    DG  A N2    1 
ATOM   38  N  N3    . DG  A 1 2  ? -2.421  -15.279 -4.531  1.00 22.31 ? 2    DG  A N3    1 
ATOM   39  C  C4    . DG  A 1 2  ? -1.188  -15.336 -3.929  1.00 21.13 ? 2    DG  A C4    1 
ATOM   40  P  P     . DC  A 1 3  ? 1.947   -13.520 -9.460  1.00 35.85 ? 3    DC  A P     1 
ATOM   41  O  OP1   . DC  A 1 3  ? 1.938   -13.891 -10.887 1.00 43.39 ? 3    DC  A OP1   1 
ATOM   42  O  OP2   . DC  A 1 3  ? 2.981   -12.728 -8.833  1.00 32.31 ? 3    DC  A OP2   1 
ATOM   43  O  "O5'" . DC  A 1 3  ? 0.591   -12.664 -9.160  1.00 32.37 ? 3    DC  A "O5'" 1 
ATOM   44  C  "C5'" . DC  A 1 3  ? -0.614  -13.063 -9.698  1.00 29.88 ? 3    DC  A "C5'" 1 
ATOM   45  C  "C4'" . DC  A 1 3  ? -1.699  -12.440 -8.854  1.00 31.21 ? 3    DC  A "C4'" 1 
ATOM   46  O  "O4'" . DC  A 1 3  ? -1.593  -12.888 -7.475  1.00 28.72 ? 3    DC  A "O4'" 1 
ATOM   47  C  "C3'" . DC  A 1 3  ? -1.687  -10.907 -8.745  1.00 31.26 ? 3    DC  A "C3'" 1 
ATOM   48  O  "O3'" . DC  A 1 3  ? -2.360  -10.369 -9.876  1.00 35.51 ? 3    DC  A "O3'" 1 
ATOM   49  C  "C2'" . DC  A 1 3  ? -2.596  -10.713 -7.549  1.00 32.77 ? 3    DC  A "C2'" 1 
ATOM   50  C  "C1'" . DC  A 1 3  ? -2.344  -11.941 -6.697  1.00 28.28 ? 3    DC  A "C1'" 1 
ATOM   51  N  N1    . DC  A 1 3  ? -1.561  -11.799 -5.479  1.00 25.91 ? 3    DC  A N1    1 
ATOM   52  C  C2    . DC  A 1 3  ? -2.264  -11.941 -4.312  1.00 23.61 ? 3    DC  A C2    1 
ATOM   53  O  O2    . DC  A 1 3  ? -3.494  -11.991 -4.432  1.00 23.69 ? 3    DC  A O2    1 
ATOM   54  N  N3    . DC  A 1 3  ? -1.571  -11.894 -3.148  1.00 23.60 ? 3    DC  A N3    1 
ATOM   55  C  C4    . DC  A 1 3  ? -0.223  -11.802 -3.149  1.00 23.18 ? 3    DC  A C4    1 
ATOM   56  N  N4    . DC  A 1 3  ? 0.401   -11.760 -1.968  1.00 23.56 ? 3    DC  A N4    1 
ATOM   57  C  C5    . DC  A 1 3  ? 0.537   -11.689 -4.336  1.00 25.29 ? 3    DC  A C5    1 
ATOM   58  C  C6    . DC  A 1 3  ? -0.179  -11.728 -5.468  1.00 26.49 ? 3    DC  A C6    1 
ATOM   59  P  P     . DG  A 1 4  ? -2.214  -8.844  -10.253 1.00 36.94 ? 4    DG  A P     1 
ATOM   60  O  OP1   . DG  A 1 4  ? -2.180  -8.906  -11.718 1.00 43.76 ? 4    DG  A OP1   1 
ATOM   61  O  OP2   . DG  A 1 4  ? -1.010  -8.205  -9.634  1.00 34.05 ? 4    DG  A OP2   1 
ATOM   62  O  "O5'" . DG  A 1 4  ? -3.588  -8.171  -9.723  1.00 35.02 ? 4    DG  A "O5'" 1 
ATOM   63  C  "C5'" . DG  A 1 4  ? -4.844  -8.897  -9.700  1.00 34.59 ? 4    DG  A "C5'" 1 
ATOM   64  C  "C4'" . DG  A 1 4  ? -5.884  -8.255  -8.802  1.00 36.14 ? 4    DG  A "C4'" 1 
ATOM   65  O  "O4'" . DG  A 1 4  ? -5.736  -8.593  -7.393  1.00 35.16 ? 4    DG  A "O4'" 1 
ATOM   66  C  "C3'" . DG  A 1 4  ? -5.892  -6.709  -8.828  1.00 38.53 ? 4    DG  A "C3'" 1 
ATOM   67  O  "O3'" . DG  A 1 4  ? -7.225  -6.309  -8.659  1.00 38.14 ? 4    DG  A "O3'" 1 
ATOM   68  C  "C2'" . DG  A 1 4  ? -5.021  -6.304  -7.645  1.00 32.99 ? 4    DG  A "C2'" 1 
ATOM   69  C  "C1'" . DG  A 1 4  ? -5.190  -7.463  -6.692  1.00 35.52 ? 4    DG  A "C1'" 1 
ATOM   70  N  N9    . DG  A 1 4  ? -3.925  -7.701  -5.942  1.00 32.90 ? 4    DG  A N9    1 
ATOM   71  C  C8    . DG  A 1 4  ? -2.603  -7.587  -6.330  1.00 30.29 ? 4    DG  A C8    1 
ATOM   72  N  N7    . DG  A 1 4  ? -1.751  -7.830  -5.362  1.00 28.73 ? 4    DG  A N7    1 
ATOM   73  C  C5    . DG  A 1 4  ? -2.557  -8.095  -4.290  1.00 28.43 ? 4    DG  A C5    1 
ATOM   74  C  C6    . DG  A 1 4  ? -2.202  -8.416  -2.972  1.00 28.35 ? 4    DG  A C6    1 
ATOM   75  O  O6    . DG  A 1 4  ? -1.060  -8.538  -2.511  1.00 27.93 ? 4    DG  A O6    1 
ATOM   76  N  N1    . DG  A 1 4  ? -3.313  -8.560  -2.184  1.00 27.36 ? 4    DG  A N1    1 
ATOM   77  C  C2    . DG  A 1 4  ? -4.602  -8.434  -2.627  1.00 27.82 ? 4    DG  A C2    1 
ATOM   78  N  N2    . DG  A 1 4  ? -5.559  -8.646  -1.736  1.00 25.18 ? 4    DG  A N2    1 
ATOM   79  N  N3    . DG  A 1 4  ? -4.955  -8.158  -3.870  1.00 30.88 ? 4    DG  A N3    1 
ATOM   80  C  C4    . DG  A 1 4  ? -3.879  -7.991  -4.628  1.00 28.50 ? 4    DG  A C4    1 
ATOM   81  P  P     . DG  A 1 5  ? -7.724  -4.783  -8.382  1.00 42.42 ? 5    DG  A P     1 
ATOM   82  O  OP1   . DG  A 1 5  ? -9.036  -4.849  -9.057  1.00 41.64 ? 5    DG  A OP1   1 
ATOM   83  O  OP2   . DG  A 1 5  ? -6.602  -3.831  -8.654  1.00 39.64 ? 5    DG  A OP2   1 
ATOM   84  O  "O5'" . DG  A 1 5  ? -7.998  -4.755  -6.800  1.00 35.90 ? 5    DG  A "O5'" 1 
ATOM   85  C  "C5'" . DG  A 1 5  ? -9.057  -5.513  -6.249  1.00 35.23 ? 5    DG  A "C5'" 1 
ATOM   86  C  "C4'" . DG  A 1 5  ? -8.965  -5.205  -4.775  1.00 37.72 ? 5    DG  A "C4'" 1 
ATOM   87  O  "O4'" . DG  A 1 5  ? -7.584  -5.478  -4.380  1.00 37.13 ? 5    DG  A "O4'" 1 
ATOM   88  C  "C3'" . DG  A 1 5  ? -9.217  -3.714  -4.466  1.00 34.35 ? 5    DG  A "C3'" 1 
ATOM   89  O  "O3'" . DG  A 1 5  ? -10.194 -3.720  -3.386  1.00 38.59 ? 5    DG  A "O3'" 1 
ATOM   90  C  "C2'" . DG  A 1 5  ? -7.844  -3.183  -4.063  1.00 36.52 ? 5    DG  A "C2'" 1 
ATOM   91  C  "C1'" . DG  A 1 5  ? -7.271  -4.479  -3.437  1.00 36.65 ? 5    DG  A "C1'" 1 
ATOM   92  N  N9    . DG  A 1 5  ? -5.829  -4.617  -3.278  1.00 33.33 ? 5    DG  A N9    1 
ATOM   93  C  C8    . DG  A 1 5  ? -4.866  -4.527  -4.281  1.00 29.96 ? 5    DG  A C8    1 
ATOM   94  N  N7    . DG  A 1 5  ? -3.661  -4.737  -3.808  1.00 31.48 ? 5    DG  A N7    1 
ATOM   95  C  C5    . DG  A 1 5  ? -3.863  -5.027  -2.459  1.00 28.03 ? 5    DG  A C5    1 
ATOM   96  C  C6    . DG  A 1 5  ? -2.896  -5.341  -1.471  1.00 30.17 ? 5    DG  A C6    1 
ATOM   97  O  O6    . DG  A 1 5  ? -1.683  -5.401  -1.663  1.00 29.82 ? 5    DG  A O6    1 
ATOM   98  N  N1    . DG  A 1 5  ? -3.456  -5.517  -0.219  1.00 26.02 ? 5    DG  A N1    1 
ATOM   99  C  C2    . DG  A 1 5  ? -4.814  -5.419  0.096   1.00 34.55 ? 5    DG  A C2    1 
ATOM   100 N  N2    . DG  A 1 5  ? -5.148  -5.656  1.421   1.00 32.69 ? 5    DG  A N2    1 
ATOM   101 N  N3    . DG  A 1 5  ? -5.768  -5.156  -0.858  1.00 28.66 ? 5    DG  A N3    1 
ATOM   102 C  C4    . DG  A 1 5  ? -5.192  -4.968  -2.098  1.00 29.57 ? 5    DG  A C4    1 
ATOM   103 P  P     . DA  A 1 6  ? -10.641 -2.355  -2.676  1.00 38.91 ? 6    DA  A P     1 
ATOM   104 O  OP1   . DA  A 1 6  ? -12.062 -2.626  -2.146  1.00 36.42 ? 6    DA  A OP1   1 
ATOM   105 O  OP2   . DA  A 1 6  ? -10.141 -1.208  -3.458  1.00 31.69 ? 6    DA  A OP2   1 
ATOM   106 O  "O5'" . DA  A 1 6  ? -9.588  -2.325  -1.424  1.00 31.38 ? 6    DA  A "O5'" 1 
ATOM   107 C  "C5'" . DA  A 1 6  ? -9.842  -3.153  -0.281  1.00 29.39 ? 6    DA  A "C5'" 1 
ATOM   108 C  "C4'" . DA  A 1 6  ? -8.797  -2.715  0.730   1.00 25.08 ? 6    DA  A "C4'" 1 
ATOM   109 O  "O4'" . DA  A 1 6  ? -7.450  -2.799  0.140   1.00 24.03 ? 6    DA  A "O4'" 1 
ATOM   110 C  "C3'" . DA  A 1 6  ? -8.947  -1.229  1.097   1.00 21.00 ? 6    DA  A "C3'" 1 
ATOM   111 O  "O3'" . DA  A 1 6  ? -9.224  -1.226  2.467   1.00 23.06 ? 6    DA  A "O3'" 1 
ATOM   112 C  "C2'" . DA  A 1 6  ? -7.644  -0.572  0.586   1.00 20.29 ? 6    DA  A "C2'" 1 
ATOM   113 C  "C1'" . DA  A 1 6  ? -6.670  -1.745  0.672   1.00 21.78 ? 6    DA  A "C1'" 1 
ATOM   114 N  N9    . DA  A 1 6  ? -5.563  -1.727  -0.249  1.00 22.78 ? 6    DA  A N9    1 
ATOM   115 C  C8    . DA  A 1 6  ? -5.622  -1.420  -1.549  1.00 22.27 ? 6    DA  A C8    1 
ATOM   116 N  N7    . DA  A 1 6  ? -4.474  -1.508  -2.176  1.00 21.70 ? 6    DA  A N7    1 
ATOM   117 C  C5    . DA  A 1 6  ? -3.589  -1.921  -1.195  1.00 26.62 ? 6    DA  A C5    1 
ATOM   118 C  C6    . DA  A 1 6  ? -2.188  -2.199  -1.228  1.00 25.36 ? 6    DA  A C6    1 
ATOM   119 N  N6    . DA  A 1 6  ? -1.451  -2.104  -2.326  1.00 22.78 ? 6    DA  A N6    1 
ATOM   120 N  N1    . DA  A 1 6  ? -1.606  -2.498  -0.070  1.00 21.32 ? 6    DA  A N1    1 
ATOM   121 C  C2    . DA  A 1 6  ? -2.358  -2.658  1.036   1.00 20.56 ? 6    DA  A C2    1 
ATOM   122 N  N3    . DA  A 1 6  ? -3.678  -2.443  1.190   1.00 24.13 ? 6    DA  A N3    1 
ATOM   123 C  C4    . DA  A 1 6  ? -4.239  -2.074  0.010   1.00 23.03 ? 6    DA  A C4    1 
ATOM   124 P  P     . DT  A 1 7  ? -9.522  0.053   3.382   1.00 23.05 ? 7    DT  A P     1 
ATOM   125 O  OP1   . DT  A 1 7  ? -10.313 -0.323  4.537   1.00 25.33 ? 7    DT  A OP1   1 
ATOM   126 O  OP2   . DT  A 1 7  ? -9.619  1.238   2.562   1.00 22.80 ? 7    DT  A OP2   1 
ATOM   127 O  "O5'" . DT  A 1 7  ? -8.023  0.361   3.921   1.00 24.57 ? 7    DT  A "O5'" 1 
ATOM   128 C  "C5'" . DT  A 1 7  ? -7.345  -0.665  4.619   1.00 23.33 ? 7    DT  A "C5'" 1 
ATOM   129 C  "C4'" . DT  A 1 7  ? -5.872  -0.239  4.796   1.00 22.15 ? 7    DT  A "C4'" 1 
ATOM   130 O  "O4'" . DT  A 1 7  ? -5.161  -0.256  3.544   1.00 19.82 ? 7    DT  A "O4'" 1 
ATOM   131 C  "C3'" . DT  A 1 7  ? -5.627  1.169   5.350   1.00 22.27 ? 7    DT  A "C3'" 1 
ATOM   132 O  "O3'" . DT  A 1 7  ? -5.234  1.054   6.727   1.00 26.95 ? 7    DT  A "O3'" 1 
ATOM   133 C  "C2'" . DT  A 1 7  ? -4.479  1.779   4.515   1.00 22.89 ? 7    DT  A "C2'" 1 
ATOM   134 C  "C1'" . DT  A 1 7  ? -4.029  0.632   3.634   1.00 19.10 ? 7    DT  A "C1'" 1 
ATOM   135 N  N1    . DT  A 1 7  ? -3.567  0.926   2.257   1.00 20.92 ? 7    DT  A N1    1 
ATOM   136 C  C2    . DT  A 1 7  ? -2.231  0.659   1.959   1.00 23.98 ? 7    DT  A C2    1 
ATOM   137 O  O2    . DT  A 1 7  ? -1.409  0.208   2.801   1.00 22.24 ? 7    DT  A O2    1 
ATOM   138 N  N3    . DT  A 1 7  ? -1.892  0.893   0.673   1.00 21.66 ? 7    DT  A N3    1 
ATOM   139 C  C4    . DT  A 1 7  ? -2.754  1.322   -0.338  1.00 23.05 ? 7    DT  A C4    1 
ATOM   140 O  O4    . DT  A 1 7  ? -2.325  1.483   -1.439  1.00 21.33 ? 7    DT  A O4    1 
ATOM   141 C  C5    . DT  A 1 7  ? -4.130  1.595   0.022   1.00 24.09 ? 7    DT  A C5    1 
ATOM   142 C  C7    . DT  A 1 7  ? -5.146  2.059   -1.019  1.00 21.16 ? 7    DT  A C7    1 
ATOM   143 C  C6    . DT  A 1 7  ? -4.455  1.374   1.303   1.00 23.44 ? 7    DT  A C6    1 
HETATM 144 P  P     . UFR A 1 8  ? -4.943  2.243   7.700   1.00 29.08 ? 8    UFR A P     1 
HETATM 145 O  O1P   . UFR A 1 8  ? -5.550  3.521   7.255   1.00 31.75 ? 8    UFR A O1P   1 
HETATM 146 O  O2P   . UFR A 1 8  ? -5.118  1.638   9.030   1.00 32.38 ? 8    UFR A O2P   1 
HETATM 147 O  "O5'" . UFR A 1 8  ? -3.385  2.585   7.451   1.00 26.38 ? 8    UFR A "O5'" 1 
HETATM 148 C  "C5'" . UFR A 1 8  ? -2.555  1.487   7.869   1.00 25.13 ? 8    UFR A "C5'" 1 
HETATM 149 C  "C4'" . UFR A 1 8  ? -1.152  1.949   7.483   1.00 25.18 ? 8    UFR A "C4'" 1 
HETATM 150 O  "O4'" . UFR A 1 8  ? -1.089  2.076   6.066   1.00 21.63 ? 8    UFR A "O4'" 1 
HETATM 151 C  "C3'" . UFR A 1 8  ? -0.714  3.298   8.007   1.00 28.03 ? 8    UFR A "C3'" 1 
HETATM 152 O  "O3'" . UFR A 1 8  ? 0.450   2.990   8.779   1.00 32.14 ? 8    UFR A "O3'" 1 
HETATM 153 C  "C2'" . UFR A 1 8  ? -0.286  4.119   6.789   1.00 20.57 ? 8    UFR A "C2'" 1 
HETATM 154 C  "C1'" . UFR A 1 8  ? -0.143  3.021   5.754   1.00 22.65 ? 8    UFR A "C1'" 1 
HETATM 155 N  N1    . UFR A 1 8  ? -0.388  3.386   4.335   1.00 24.72 ? 8    UFR A N1    1 
HETATM 156 C  C2    . UFR A 1 8  ? 0.641   3.203   3.411   1.00 25.80 ? 8    UFR A C2    1 
HETATM 157 O  O2    . UFR A 1 8  ? 1.754   2.755   3.668   1.00 27.15 ? 8    UFR A O2    1 
HETATM 158 N  N3    . UFR A 1 8  ? 0.329   3.565   2.131   1.00 21.80 ? 8    UFR A N3    1 
HETATM 159 C  C4    . UFR A 1 8  ? -0.909  4.069   1.682   1.00 21.20 ? 8    UFR A C4    1 
HETATM 160 O  O4    . UFR A 1 8  ? -1.056  4.422   0.484   1.00 21.62 ? 8    UFR A O4    1 
HETATM 161 C  C5    . UFR A 1 8  ? -1.939  4.258   2.684   1.00 21.21 ? 8    UFR A C5    1 
HETATM 162 C  C6    . UFR A 1 8  ? -1.648  3.918   3.949   1.00 19.85 ? 8    UFR A C6    1 
HETATM 163 C  C7    . UFR A 1 8  ? -3.295  4.846   2.278   1.00 24.18 ? 8    UFR A C7    1 
HETATM 164 O  O5    . UFR A 1 8  ? -3.511  5.061   1.046   1.00 28.65 ? 8    UFR A O5    1 
ATOM   165 P  P     . DC  A 1 9  ? 1.227   4.188   9.501   1.00 34.91 ? 9    DC  A P     1 
ATOM   166 O  OP1   . DC  A 1 9  ? 1.895   3.360   10.572  1.00 36.94 ? 9    DC  A OP1   1 
ATOM   167 O  OP2   . DC  A 1 9  ? 0.356   5.328   9.856   1.00 36.01 ? 9    DC  A OP2   1 
ATOM   168 O  "O5'" . DC  A 1 9  ? 2.410   4.579   8.535   1.00 32.87 ? 9    DC  A "O5'" 1 
ATOM   169 C  "C5'" . DC  A 1 9  ? 3.165   3.527   7.922   1.00 34.01 ? 9    DC  A "C5'" 1 
ATOM   170 C  "C4'" . DC  A 1 9  ? 4.088   4.152   6.891   1.00 34.26 ? 9    DC  A "C4'" 1 
ATOM   171 O  "O4'" . DC  A 1 9  ? 3.406   4.505   5.670   1.00 33.55 ? 9    DC  A "O4'" 1 
ATOM   172 C  "C3'" . DC  A 1 9  ? 4.758   5.450   7.309   1.00 33.94 ? 9    DC  A "C3'" 1 
ATOM   173 O  "O3'" . DC  A 1 9  ? 6.136   5.116   7.393   1.00 35.92 ? 9    DC  A "O3'" 1 
ATOM   174 C  "C2'" . DC  A 1 9  ? 4.557   6.477   6.174   1.00 31.84 ? 9    DC  A "C2'" 1 
ATOM   175 C  "C1'" . DC  A 1 9  ? 3.945   5.647   5.046   1.00 31.08 ? 9    DC  A "C1'" 1 
ATOM   176 N  N1    . DC  A 1 9  ? 2.745   6.177   4.273   1.00 27.59 ? 9    DC  A N1    1 
ATOM   177 C  C2    . DC  A 1 9  ? 2.824   6.243   2.851   1.00 31.78 ? 9    DC  A C2    1 
ATOM   178 O  O2    . DC  A 1 9  ? 3.907   5.924   2.272   1.00 28.12 ? 9    DC  A O2    1 
ATOM   179 N  N3    . DC  A 1 9  ? 1.742   6.738   2.140   1.00 28.95 ? 9    DC  A N3    1 
ATOM   180 C  C4    . DC  A 1 9  ? 0.621   7.107   2.785   1.00 26.07 ? 9    DC  A C4    1 
ATOM   181 N  N4    . DC  A 1 9  ? -0.413  7.540   2.026   1.00 26.29 ? 9    DC  A N4    1 
ATOM   182 C  C5    . DC  A 1 9  ? 0.510   7.018   4.223   1.00 29.26 ? 9    DC  A C5    1 
ATOM   183 C  C6    . DC  A 1 9  ? 1.598   6.564   4.909   1.00 27.75 ? 9    DC  A C6    1 
ATOM   184 P  P     . DG  A 1 10 ? 7.137   6.175   8.038   1.00 36.17 ? 10   DG  A P     1 
ATOM   185 O  OP1   . DG  A 1 10 ? 8.172   5.231   8.495   1.00 37.96 ? 10   DG  A OP1   1 
ATOM   186 O  OP2   . DG  A 1 10 ? 6.440   7.128   8.849   1.00 30.60 ? 10   DG  A OP2   1 
ATOM   187 O  "O5'" . DG  A 1 10 ? 7.766   7.017   6.797   1.00 31.48 ? 10   DG  A "O5'" 1 
ATOM   188 C  "C5'" . DG  A 1 10 ? 8.431   6.278   5.748   1.00 30.13 ? 10   DG  A "C5'" 1 
ATOM   189 C  "C4'" . DG  A 1 10 ? 8.767   7.286   4.678   1.00 35.10 ? 10   DG  A "C4'" 1 
ATOM   190 O  "O4'" . DG  A 1 10 ? 7.569   7.791   3.903   1.00 27.94 ? 10   DG  A "O4'" 1 
ATOM   191 C  "C3'" . DG  A 1 10 ? 9.366   8.524   5.316   1.00 35.18 ? 10   DG  A "C3'" 1 
ATOM   192 O  "O3'" . DG  A 1 10 ? 10.136  9.073   4.326   1.00 42.01 ? 10   DG  A "O3'" 1 
ATOM   193 C  "C2'" . DG  A 1 10 ? 8.158   9.442   5.497   1.00 31.81 ? 10   DG  A "C2'" 1 
ATOM   194 C  "C1'" . DG  A 1 10 ? 7.484   9.180   4.125   1.00 28.71 ? 10   DG  A "C1'" 1 
ATOM   195 N  N9    . DG  A 1 10 ? 6.047   9.456   4.068   1.00 29.06 ? 10   DG  A N9    1 
ATOM   196 C  C8    . DG  A 1 10 ? 5.162   9.550   5.109   1.00 31.30 ? 10   DG  A C8    1 
ATOM   197 N  N7    . DG  A 1 10 ? 3.920   9.786   4.717   1.00 29.99 ? 10   DG  A N7    1 
ATOM   198 C  C5    . DG  A 1 10 ? 4.011   9.780   3.315   1.00 28.40 ? 10   DG  A C5    1 
ATOM   199 C  C6    . DG  A 1 10 ? 2.980   9.955   2.324   1.00 29.67 ? 10   DG  A C6    1 
ATOM   200 O  O6    . DG  A 1 10 ? 1.767   10.110  2.476   1.00 28.81 ? 10   DG  A O6    1 
ATOM   201 N  N1    . DG  A 1 10 ? 3.447   9.889   1.030   1.00 28.30 ? 10   DG  A N1    1 
ATOM   202 C  C2    . DG  A 1 10 ? 4.780   9.709   0.733   1.00 28.68 ? 10   DG  A C2    1 
ATOM   203 N  N2    . DG  A 1 10 ? 5.040   9.724   -0.589  1.00 24.30 ? 10   DG  A N2    1 
ATOM   204 N  N3    . DG  A 1 10 ? 5.756   9.505   1.656   1.00 29.09 ? 10   DG  A N3    1 
ATOM   205 C  C4    . DG  A 1 10 ? 5.294   9.563   2.920   1.00 24.78 ? 10   DG  A C4    1 
ATOM   206 P  P     . DC  A 1 11 ? 11.654  9.544   4.570   1.00 49.72 ? 11   DC  A P     1 
ATOM   207 O  OP1   . DC  A 1 11 ? 12.374  8.221   4.332   1.00 42.83 ? 11   DC  A OP1   1 
ATOM   208 O  OP2   . DC  A 1 11 ? 11.727  10.414  5.777   1.00 43.45 ? 11   DC  A OP2   1 
ATOM   209 O  "O5'" . DC  A 1 11 ? 11.934  10.465  3.266   1.00 45.10 ? 11   DC  A "O5'" 1 
ATOM   210 C  "C5'" . DC  A 1 11 ? 12.238  9.705   2.074   1.00 43.66 ? 11   DC  A "C5'" 1 
ATOM   211 C  "C4'" . DC  A 1 11 ? 11.606  10.264  0.802   1.00 40.48 ? 11   DC  A "C4'" 1 
ATOM   212 O  "O4'" . DC  A 1 11 ? 10.160  10.143  0.883   1.00 40.56 ? 11   DC  A "O4'" 1 
ATOM   213 C  "C3'" . DC  A 1 11 ? 11.867  11.724  0.521   1.00 40.82 ? 11   DC  A "C3'" 1 
ATOM   214 O  "O3'" . DC  A 1 11 ? 13.031  11.854  -0.303  1.00 42.22 ? 11   DC  A "O3'" 1 
ATOM   215 C  "C2'" . DC  A 1 11 ? 10.687  12.110  -0.359  1.00 38.61 ? 11   DC  A "C2'" 1 
ATOM   216 C  "C1'" . DC  A 1 11 ? 9.582   11.257  0.196   1.00 37.55 ? 11   DC  A "C1'" 1 
ATOM   217 N  N1    . DC  A 1 11 ? 8.562   11.855  1.122   1.00 34.06 ? 11   DC  A N1    1 
ATOM   218 C  C2    . DC  A 1 11 ? 7.362   12.264  0.536   1.00 32.08 ? 11   DC  A C2    1 
ATOM   219 O  O2    . DC  A 1 11 ? 7.286   12.171  -0.705  1.00 30.05 ? 11   DC  A O2    1 
ATOM   220 N  N3    . DC  A 1 11 ? 6.356   12.725  1.323   1.00 30.75 ? 11   DC  A N3    1 
ATOM   221 C  C4    . DC  A 1 11 ? 6.557   12.804  2.625   1.00 29.61 ? 11   DC  A C4    1 
ATOM   222 N  N4    . DC  A 1 11 ? 5.575   13.265  3.376   1.00 26.57 ? 11   DC  A N4    1 
ATOM   223 C  C5    . DC  A 1 11 ? 7.790   12.377  3.256   1.00 29.12 ? 11   DC  A C5    1 
ATOM   224 C  C6    . DC  A 1 11 ? 8.757   11.897  2.473   1.00 34.07 ? 11   DC  A C6    1 
ATOM   225 P  P     . DG  A 1 12 ? 13.939  13.149  -0.096  1.00 46.13 ? 12   DG  A P     1 
ATOM   226 O  OP1   . DG  A 1 12 ? 15.251  12.813  -0.720  1.00 46.17 ? 12   DG  A OP1   1 
ATOM   227 O  OP2   . DG  A 1 12 ? 13.880  13.645  1.304   1.00 44.61 ? 12   DG  A OP2   1 
ATOM   228 O  "O5'" . DG  A 1 12 ? 13.234  14.241  -1.054  1.00 46.34 ? 12   DG  A "O5'" 1 
ATOM   229 C  "C5'" . DG  A 1 12 ? 13.000  13.868  -2.392  1.00 44.16 ? 12   DG  A "C5'" 1 
ATOM   230 C  "C4'" . DG  A 1 12 ? 11.910  14.735  -3.006  1.00 44.33 ? 12   DG  A "C4'" 1 
ATOM   231 O  "O4'" . DG  A 1 12 ? 10.667  14.542  -2.334  1.00 42.43 ? 12   DG  A "O4'" 1 
ATOM   232 C  "C3'" . DG  A 1 12 ? 12.120  16.235  -3.064  1.00 47.02 ? 12   DG  A "C3'" 1 
ATOM   233 O  "O3'" . DG  A 1 12 ? 12.230  16.572  -4.470  1.00 49.54 ? 12   DG  A "O3'" 1 
ATOM   234 C  "C2'" . DG  A 1 12 ? 10.878  16.913  -2.456  1.00 43.66 ? 12   DG  A "C2'" 1 
ATOM   235 C  "C1'" . DG  A 1 12 ? 9.946   15.745  -2.224  1.00 40.43 ? 12   DG  A "C1'" 1 
ATOM   236 N  N9    . DG  A 1 12 ? 9.422   15.754  -0.877  1.00 34.77 ? 12   DG  A N9    1 
ATOM   237 C  C8    . DG  A 1 12 ? 10.178  15.531  0.254   1.00 36.68 ? 12   DG  A C8    1 
ATOM   238 N  N7    . DG  A 1 12 ? 9.484   15.585  1.364   1.00 35.05 ? 12   DG  A N7    1 
ATOM   239 C  C5    . DG  A 1 12 ? 8.180   15.849  0.908   1.00 32.91 ? 12   DG  A C5    1 
ATOM   240 C  C6    . DG  A 1 12 ? 7.017   16.011  1.671   1.00 33.46 ? 12   DG  A C6    1 
ATOM   241 O  O6    . DG  A 1 12 ? 7.004   15.937  2.924   1.00 33.64 ? 12   DG  A O6    1 
ATOM   242 N  N1    . DG  A 1 12 ? 5.861   16.244  0.885   1.00 27.86 ? 12   DG  A N1    1 
ATOM   243 C  C2    . DG  A 1 12 ? 5.909   16.326  -0.511  1.00 30.11 ? 12   DG  A C2    1 
ATOM   244 N  N2    . DG  A 1 12 ? 4.772   16.628  -1.158  1.00 19.98 ? 12   DG  A N2    1 
ATOM   245 N  N3    . DG  A 1 12 ? 7.029   16.183  -1.218  1.00 26.80 ? 12   DG  A N3    1 
ATOM   246 C  C4    . DG  A 1 12 ? 8.123   15.959  -0.460  1.00 31.47 ? 12   DG  A C4    1 
ATOM   247 O  "O5'" . DC  B 1 1  ? -2.080  19.273  3.876   1.00 42.95 ? 13   DC  B "O5'" 1 
ATOM   248 C  "C5'" . DC  B 1 1  ? -2.303  19.940  2.624   1.00 42.93 ? 13   DC  B "C5'" 1 
ATOM   249 C  "C4'" . DC  B 1 1  ? -1.653  19.164  1.496   1.00 40.43 ? 13   DC  B "C4'" 1 
ATOM   250 O  "O4'" . DC  B 1 1  ? -0.228  19.008  1.782   1.00 36.31 ? 13   DC  B "O4'" 1 
ATOM   251 C  "C3'" . DC  B 1 1  ? -2.194  17.736  1.415   1.00 39.20 ? 13   DC  B "C3'" 1 
ATOM   252 O  "O3'" . DC  B 1 1  ? -2.232  17.361  0.120   1.00 46.79 ? 13   DC  B "O3'" 1 
ATOM   253 C  "C2'" . DC  B 1 1  ? -1.152  16.867  2.105   1.00 41.30 ? 13   DC  B "C2'" 1 
ATOM   254 C  "C1'" . DC  B 1 1  ? 0.059   17.639  1.577   1.00 34.82 ? 13   DC  B "C1'" 1 
ATOM   255 N  N1    . DC  B 1 1  ? 1.247   17.245  2.298   1.00 36.37 ? 13   DC  B N1    1 
ATOM   256 C  C2    . DC  B 1 1  ? 2.413   17.012  1.554   1.00 33.16 ? 13   DC  B C2    1 
ATOM   257 O  O2    . DC  B 1 1  ? 2.419   17.182  0.331   1.00 34.93 ? 13   DC  B O2    1 
ATOM   258 N  N3    . DC  B 1 1  ? 3.500   16.648  2.207   1.00 33.87 ? 13   DC  B N3    1 
ATOM   259 C  C4    . DC  B 1 1  ? 3.464   16.476  3.513   1.00 36.87 ? 13   DC  B C4    1 
ATOM   260 N  N4    . DC  B 1 1  ? 4.588   16.053  4.089   1.00 37.19 ? 13   DC  B N4    1 
ATOM   261 C  C5    . DC  B 1 1  ? 2.265   16.672  4.286   1.00 37.70 ? 13   DC  B C5    1 
ATOM   262 C  C6    . DC  B 1 1  ? 1.180   17.056  3.644   1.00 34.34 ? 13   DC  B C6    1 
ATOM   263 P  P     . DG  B 1 2  ? -3.676  17.259  -0.576  1.00 48.43 ? 14   DG  B P     1 
ATOM   264 O  OP1   . DG  B 1 2  ? -4.265  18.632  -0.474  1.00 49.87 ? 14   DG  B OP1   1 
ATOM   265 O  OP2   . DG  B 1 2  ? -4.347  16.083  0.051   1.00 48.69 ? 14   DG  B OP2   1 
ATOM   266 O  "O5'" . DG  B 1 2  ? -3.268  16.955  -2.085  1.00 43.83 ? 14   DG  B "O5'" 1 
ATOM   267 C  "C5'" . DG  B 1 2  ? -2.313  17.705  -2.748  1.00 37.23 ? 14   DG  B "C5'" 1 
ATOM   268 C  "C4'" . DG  B 1 2  ? -1.355  16.773  -3.484  1.00 31.93 ? 14   DG  B "C4'" 1 
ATOM   269 O  "O4'" . DG  B 1 2  ? -0.258  16.277  -2.666  1.00 28.03 ? 14   DG  B "O4'" 1 
ATOM   270 C  "C3'" . DG  B 1 2  ? -1.992  15.517  -4.064  1.00 33.93 ? 14   DG  B "C3'" 1 
ATOM   271 O  "O3'" . DG  B 1 2  ? -1.651  15.460  -5.422  1.00 32.05 ? 14   DG  B "O3'" 1 
ATOM   272 C  "C2'" . DG  B 1 2  ? -1.446  14.347  -3.240  1.00 32.22 ? 14   DG  B "C2'" 1 
ATOM   273 C  "C1'" . DG  B 1 2  ? -0.043  14.881  -2.870  1.00 27.12 ? 14   DG  B "C1'" 1 
ATOM   274 N  N9    . DG  B 1 2  ? 0.424   14.444  -1.559  1.00 25.70 ? 14   DG  B N9    1 
ATOM   275 C  C8    . DG  B 1 2  ? -0.317  14.434  -0.406  1.00 27.83 ? 14   DG  B C8    1 
ATOM   276 N  N7    . DG  B 1 2  ? 0.391   14.074  0.664   1.00 23.53 ? 14   DG  B N7    1 
ATOM   277 C  C5    . DG  B 1 2  ? 1.656   13.809  0.180   1.00 26.01 ? 14   DG  B C5    1 
ATOM   278 C  C6    . DG  B 1 2  ? 2.803   13.386  0.914   1.00 27.98 ? 14   DG  B C6    1 
ATOM   279 O  O6    . DG  B 1 2  ? 2.805   13.206  2.140   1.00 25.44 ? 14   DG  B O6    1 
ATOM   280 N  N1    . DG  B 1 2  ? 3.958   13.257  0.103   1.00 27.29 ? 14   DG  B N1    1 
ATOM   281 C  C2    . DG  B 1 2  ? 3.930   13.513  -1.255  1.00 29.65 ? 14   DG  B C2    1 
ATOM   282 N  N2    . DG  B 1 2  ? 5.059   13.297  -1.949  1.00 27.36 ? 14   DG  B N2    1 
ATOM   283 N  N3    . DG  B 1 2  ? 2.849   13.953  -1.934  1.00 25.23 ? 14   DG  B N3    1 
ATOM   284 C  C4    . DG  B 1 2  ? 1.722   14.045  -1.159  1.00 25.57 ? 14   DG  B C4    1 
ATOM   285 P  P     . DC  B 1 3  ? -2.203  14.280  -6.361  1.00 35.85 ? 15   DC  B P     1 
ATOM   286 O  OP1   . DC  B 1 3  ? -2.260  14.824  -7.716  1.00 37.06 ? 15   DC  B OP1   1 
ATOM   287 O  OP2   . DC  B 1 3  ? -3.305  13.613  -5.702  1.00 35.69 ? 15   DC  B OP2   1 
ATOM   288 O  "O5'" . DC  B 1 3  ? -1.018  13.170  -6.518  1.00 33.80 ? 15   DC  B "O5'" 1 
ATOM   289 C  "C5'" . DC  B 1 3  ? 0.198   13.435  -7.151  1.00 28.36 ? 15   DC  B "C5'" 1 
ATOM   290 C  "C4'" . DC  B 1 3  ? 1.263   12.444  -6.663  1.00 26.68 ? 15   DC  B "C4'" 1 
ATOM   291 O  "O4'" . DC  B 1 3  ? 1.448   12.482  -5.213  1.00 25.02 ? 15   DC  B "O4'" 1 
ATOM   292 C  "C3'" . DC  B 1 3  ? 0.902   11.026  -6.978  1.00 27.66 ? 15   DC  B "C3'" 1 
ATOM   293 O  "O3'" . DC  B 1 3  ? 1.606   10.789  -8.135  1.00 27.83 ? 15   DC  B "O3'" 1 
ATOM   294 C  "C2'" . DC  B 1 3  ? 1.473   10.219  -5.807  1.00 29.74 ? 15   DC  B "C2'" 1 
ATOM   295 C  "C1'" . DC  B 1 3  ? 1.904   11.207  -4.761  1.00 27.48 ? 15   DC  B "C1'" 1 
ATOM   296 N  N1    . DC  B 1 3  ? 1.336   10.997  -3.414  1.00 26.52 ? 15   DC  B N1    1 
ATOM   297 C  C2    . DC  B 1 3  ? 2.169   10.655  -2.312  1.00 24.69 ? 15   DC  B C2    1 
ATOM   298 O  O2    . DC  B 1 3  ? 3.346   10.527  -2.524  1.00 27.08 ? 15   DC  B O2    1 
ATOM   299 N  N3    . DC  B 1 3  ? 1.649   10.468  -1.065  1.00 24.87 ? 15   DC  B N3    1 
ATOM   300 C  C4    . DC  B 1 3  ? 0.334   10.601  -0.885  1.00 21.22 ? 15   DC  B C4    1 
ATOM   301 N  N4    . DC  B 1 3  ? -0.136  10.477  0.342   1.00 18.43 ? 15   DC  B N4    1 
ATOM   302 C  C5    . DC  B 1 3  ? -0.573  10.953  -1.975  1.00 25.64 ? 15   DC  B C5    1 
ATOM   303 C  C6    . DC  B 1 3  ? -0.020  11.128  -3.195  1.00 26.99 ? 15   DC  B C6    1 
ATOM   304 P  P     . DG  B 1 4  ? 1.445   9.413   -8.881  1.00 35.33 ? 16   DG  B P     1 
ATOM   305 O  OP1   . DG  B 1 4  ? 2.037   9.714   -10.186 1.00 34.98 ? 16   DG  B OP1   1 
ATOM   306 O  OP2   . DG  B 1 4  ? 0.053   8.962   -8.563  1.00 36.95 ? 16   DG  B OP2   1 
ATOM   307 O  "O5'" . DG  B 1 4  ? 2.500   8.378   -8.258  1.00 39.30 ? 16   DG  B "O5'" 1 
ATOM   308 C  "C5'" . DG  B 1 4  ? 3.831   8.900   -8.122  1.00 39.22 ? 16   DG  B "C5'" 1 
ATOM   309 C  "C4'" . DG  B 1 4  ? 4.755   7.861   -7.531  1.00 43.33 ? 16   DG  B "C4'" 1 
ATOM   310 O  "O4'" . DG  B 1 4  ? 4.576   7.779   -6.094  1.00 41.80 ? 16   DG  B "O4'" 1 
ATOM   311 C  "C3'" . DG  B 1 4  ? 4.556   6.465   -8.122  1.00 44.11 ? 16   DG  B "C3'" 1 
ATOM   312 O  "O3'" . DG  B 1 4  ? 5.859   5.905   -8.364  1.00 46.19 ? 16   DG  B "O3'" 1 
ATOM   313 C  "C2'" . DG  B 1 4  ? 3.732   5.740   -7.062  1.00 40.97 ? 16   DG  B "C2'" 1 
ATOM   314 C  "C1'" . DG  B 1 4  ? 4.025   6.519   -5.765  1.00 40.57 ? 16   DG  B "C1'" 1 
ATOM   315 N  N9    . DG  B 1 4  ? 2.876   6.771   -4.875  1.00 36.12 ? 16   DG  B N9    1 
ATOM   316 C  C8    . DG  B 1 4  ? 1.587   7.026   -5.252  1.00 29.23 ? 16   DG  B C8    1 
ATOM   317 N  N7    . DG  B 1 4  ? 0.814   7.191   -4.216  1.00 29.52 ? 16   DG  B N7    1 
ATOM   318 C  C5    . DG  B 1 4  ? 1.653   7.048   -3.058  1.00 28.82 ? 16   DG  B C5    1 
ATOM   319 C  C6    . DG  B 1 4  ? 1.364   7.121   -1.642  1.00 28.69 ? 16   DG  B C6    1 
ATOM   320 O  O6    . DG  B 1 4  ? 0.282   7.352   -1.054  1.00 23.77 ? 16   DG  B O6    1 
ATOM   321 N  N1    . DG  B 1 4  ? 2.485   6.891   -0.832  1.00 26.75 ? 16   DG  B N1    1 
ATOM   322 C  C2    . DG  B 1 4  ? 3.756   6.616   -1.324  1.00 32.10 ? 16   DG  B C2    1 
ATOM   323 N  N2    . DG  B 1 4  ? 4.765   6.418   -0.412  1.00 30.95 ? 16   DG  B N2    1 
ATOM   324 N  N3    . DG  B 1 4  ? 4.042   6.564   -2.635  1.00 33.95 ? 16   DG  B N3    1 
ATOM   325 C  C4    . DG  B 1 4  ? 2.924   6.778   -3.454  1.00 34.74 ? 16   DG  B C4    1 
ATOM   326 P  P     . DG  B 1 5  ? 5.932   4.343   -8.754  1.00 48.77 ? 17   DG  B P     1 
ATOM   327 O  OP1   . DG  B 1 5  ? 7.233   4.234   -9.503  1.00 47.52 ? 17   DG  B OP1   1 
ATOM   328 O  OP2   . DG  B 1 5  ? 4.588   3.931   -9.254  1.00 46.44 ? 17   DG  B OP2   1 
ATOM   329 O  "O5'" . DG  B 1 5  ? 6.182   3.511   -7.428  1.00 42.45 ? 17   DG  B "O5'" 1 
ATOM   330 C  "C5'" . DG  B 1 5  ? 7.083   4.030   -6.440  1.00 38.38 ? 17   DG  B "C5'" 1 
ATOM   331 C  "C4'" . DG  B 1 5  ? 6.816   3.213   -5.170  1.00 36.96 ? 17   DG  B "C4'" 1 
ATOM   332 O  "O4'" . DG  B 1 5  ? 5.540   3.627   -4.608  1.00 32.76 ? 17   DG  B "O4'" 1 
ATOM   333 C  "C3'" . DG  B 1 5  ? 6.675   1.683   -5.273  1.00 35.75 ? 17   DG  B "C3'" 1 
ATOM   334 O  "O3'" . DG  B 1 5  ? 7.099   1.206   -4.030  1.00 40.13 ? 17   DG  B "O3'" 1 
ATOM   335 C  "C2'" . DG  B 1 5  ? 5.172   1.417   -5.305  1.00 33.29 ? 17   DG  B "C2'" 1 
ATOM   336 C  "C1'" . DG  B 1 5  ? 4.741   2.492   -4.320  1.00 29.49 ? 17   DG  B "C1'" 1 
ATOM   337 N  N9    . DG  B 1 5  ? 3.314   2.835   -4.327  1.00 30.19 ? 17   DG  B N9    1 
ATOM   338 C  C8    . DG  B 1 5  ? 2.426   2.895   -5.360  1.00 32.47 ? 17   DG  B C8    1 
ATOM   339 N  N7    . DG  B 1 5  ? 1.212   3.234   -4.968  1.00 30.02 ? 17   DG  B N7    1 
ATOM   340 C  C5    . DG  B 1 5  ? 1.323   3.413   -3.604  1.00 26.12 ? 17   DG  B C5    1 
ATOM   341 C  C6    . DG  B 1 5  ? 0.341   3.765   -2.666  1.00 22.25 ? 17   DG  B C6    1 
ATOM   342 O  O6    . DG  B 1 5  ? -0.877  4.000   -2.962  1.00 26.69 ? 17   DG  B O6    1 
ATOM   343 N  N1    . DG  B 1 5  ? 0.838   3.822   -1.344  1.00 18.59 ? 17   DG  B N1    1 
ATOM   344 C  C2    . DG  B 1 5  ? 2.177   3.597   -1.025  1.00 21.84 ? 17   DG  B C2    1 
ATOM   345 N  N2    . DG  B 1 5  ? 2.523   3.674   0.252   1.00 18.80 ? 17   DG  B N2    1 
ATOM   346 N  N3    . DG  B 1 5  ? 3.109   3.251   -1.913  1.00 21.06 ? 17   DG  B N3    1 
ATOM   347 C  C4    . DG  B 1 5  ? 2.614   3.195   -3.193  1.00 26.64 ? 17   DG  B C4    1 
ATOM   348 P  P     . DA  B 1 6  ? 8.232   0.086   -3.829  1.00 40.22 ? 18   DA  B P     1 
ATOM   349 O  OP1   . DA  B 1 6  ? 9.446   0.750   -4.377  1.00 39.93 ? 18   DA  B OP1   1 
ATOM   350 O  OP2   . DA  B 1 6  ? 7.666   -1.186  -4.359  1.00 39.12 ? 18   DA  B OP2   1 
ATOM   351 O  "O5'" . DA  B 1 6  ? 8.333   -0.106  -2.230  1.00 35.59 ? 18   DA  B "O5'" 1 
ATOM   352 C  "C5'" . DA  B 1 6  ? 8.565   0.968   -1.381  1.00 32.80 ? 18   DA  B "C5'" 1 
ATOM   353 C  "C4'" . DA  B 1 6  ? 8.064   0.552   -0.038  1.00 33.62 ? 18   DA  B "C4'" 1 
ATOM   354 O  "O4'" . DA  B 1 6  ? 6.637   0.828   0.133   1.00 30.08 ? 18   DA  B "O4'" 1 
ATOM   355 C  "C3'" . DA  B 1 6  ? 8.242   -0.933  0.299   1.00 34.13 ? 18   DA  B "C3'" 1 
ATOM   356 O  "O3'" . DA  B 1 6  ? 8.582   -0.952  1.709   1.00 36.79 ? 18   DA  B "O3'" 1 
ATOM   357 C  "C2'" . DA  B 1 6  ? 6.875   -1.519  -0.041  1.00 33.10 ? 18   DA  B "C2'" 1 
ATOM   358 C  "C1'" . DA  B 1 6  ? 5.929   -0.355  0.288   1.00 26.65 ? 18   DA  B "C1'" 1 
ATOM   359 N  N9    . DA  B 1 6  ? 4.760   -0.266  -0.607  1.00 28.29 ? 18   DA  B N9    1 
ATOM   360 C  C8    . DA  B 1 6  ? 4.650   -0.439  -1.969  1.00 29.16 ? 18   DA  B C8    1 
ATOM   361 N  N7    . DA  B 1 6  ? 3.400   -0.264  -2.447  1.00 25.74 ? 18   DA  B N7    1 
ATOM   362 C  C5    . DA  B 1 6  ? 2.676   0.025   -1.312  1.00 24.93 ? 18   DA  B C5    1 
ATOM   363 C  C6    . DA  B 1 6  ? 1.307   0.348   -1.130  1.00 20.28 ? 18   DA  B C6    1 
ATOM   364 N  N6    . DA  B 1 6  ? 0.450   0.370   -2.193  1.00 20.83 ? 18   DA  B N6    1 
ATOM   365 N  N1    . DA  B 1 6  ? 0.873   0.593   0.104   1.00 23.78 ? 18   DA  B N1    1 
ATOM   366 C  C2    . DA  B 1 6  ? 1.746   0.613   1.122   1.00 25.35 ? 18   DA  B C2    1 
ATOM   367 N  N3    . DA  B 1 6  ? 3.075   0.324   1.055   1.00 23.98 ? 18   DA  B N3    1 
ATOM   368 C  C4    . DA  B 1 6  ? 3.489   0.051   -0.190  1.00 24.49 ? 18   DA  B C4    1 
ATOM   369 P  P     . DT  B 1 7  ? 8.746   -2.305  2.604   1.00 36.93 ? 19   DT  B P     1 
ATOM   370 O  OP1   . DT  B 1 7  ? 9.537   -1.829  3.757   1.00 37.70 ? 19   DT  B OP1   1 
ATOM   371 O  OP2   . DT  B 1 7  ? 9.055   -3.368  1.630   1.00 32.36 ? 19   DT  B OP2   1 
ATOM   372 O  "O5'" . DT  B 1 7  ? 7.296   -2.598  3.251   1.00 34.28 ? 19   DT  B "O5'" 1 
ATOM   373 C  "C5'" . DT  B 1 7  ? 6.705   -1.739  4.197   1.00 30.38 ? 19   DT  B "C5'" 1 
ATOM   374 C  "C4'" . DT  B 1 7  ? 5.256   -2.183  4.338   1.00 29.66 ? 19   DT  B "C4'" 1 
ATOM   375 O  "O4'" . DT  B 1 7  ? 4.555   -1.970  3.080   1.00 28.75 ? 19   DT  B "O4'" 1 
ATOM   376 C  "C3'" . DT  B 1 7  ? 5.083   -3.651  4.726   1.00 29.44 ? 19   DT  B "C3'" 1 
ATOM   377 O  "O3'" . DT  B 1 7  ? 4.761   -3.675  6.070   1.00 30.69 ? 19   DT  B "O3'" 1 
ATOM   378 C  "C2'" . DT  B 1 7  ? 3.934   -4.201  3.826   1.00 30.59 ? 19   DT  B "C2'" 1 
ATOM   379 C  "C1'" . DT  B 1 7  ? 3.439   -2.917  3.155   1.00 25.57 ? 19   DT  B "C1'" 1 
ATOM   380 N  N1    . DT  B 1 7  ? 2.852   -3.048  1.786   1.00 27.86 ? 19   DT  B N1    1 
ATOM   381 C  C2    . DT  B 1 7  ? 1.505   -2.750  1.593   1.00 22.26 ? 19   DT  B C2    1 
ATOM   382 O  O2    . DT  B 1 7  ? 0.771   -2.435  2.498   1.00 25.73 ? 19   DT  B O2    1 
ATOM   383 N  N3    . DT  B 1 7  ? 1.040   -2.865  0.296   1.00 23.45 ? 19   DT  B N3    1 
ATOM   384 C  C4    . DT  B 1 7  ? 1.810   -3.179  -0.821  1.00 24.90 ? 19   DT  B C4    1 
ATOM   385 O  O4    . DT  B 1 7  ? 1.281   -3.254  -1.931  1.00 26.58 ? 19   DT  B O4    1 
ATOM   386 C  C5    . DT  B 1 7  ? 3.218   -3.482  -0.551  1.00 25.95 ? 19   DT  B C5    1 
ATOM   387 C  C7    . DT  B 1 7  ? 4.162   -3.876  -1.651  1.00 28.14 ? 19   DT  B C7    1 
ATOM   388 C  C6    . DT  B 1 7  ? 3.666   -3.399  0.723   1.00 26.09 ? 19   DT  B C6    1 
HETATM 389 P  P     . UFR B 1 8  ? 4.367   -5.016  6.914   1.00 38.96 ? 20   UFR B P     1 
HETATM 390 O  O1P   . UFR B 1 8  ? 5.170   -6.058  6.218   1.00 35.87 ? 20   UFR B O1P   1 
HETATM 391 O  O2P   . UFR B 1 8  ? 4.524   -4.610  8.343   1.00 36.74 ? 20   UFR B O2P   1 
HETATM 392 O  "O5'" . UFR B 1 8  ? 2.806   -5.342  6.727   1.00 36.73 ? 20   UFR B "O5'" 1 
HETATM 393 C  "C5'" . UFR B 1 8  ? 1.776   -4.453  7.106   1.00 33.79 ? 20   UFR B "C5'" 1 
HETATM 394 C  "C4'" . UFR B 1 8  ? 0.518   -4.836  6.340   1.00 31.59 ? 20   UFR B "C4'" 1 
HETATM 395 O  "O4'" . UFR B 1 8  ? 0.682   -4.839  4.890   1.00 31.28 ? 20   UFR B "O4'" 1 
HETATM 396 C  "C3'" . UFR B 1 8  ? 0.104   -6.255  6.655   1.00 35.64 ? 20   UFR B "C3'" 1 
HETATM 397 O  "O3'" . UFR B 1 8  ? -1.017  -6.102  7.472   1.00 37.96 ? 20   UFR B "O3'" 1 
HETATM 398 C  "C2'" . UFR B 1 8  ? -0.173  -6.925  5.307   1.00 33.31 ? 20   UFR B "C2'" 1 
HETATM 399 C  "C1'" . UFR B 1 8  ? -0.238  -5.756  4.332   1.00 31.08 ? 20   UFR B "C1'" 1 
HETATM 400 N  N1    . UFR B 1 8  ? 0.239   -6.008  2.902   1.00 30.58 ? 20   UFR B N1    1 
HETATM 401 C  C2    . UFR B 1 8  ? -0.636  -5.823  1.818   1.00 32.11 ? 20   UFR B C2    1 
HETATM 402 O  O2    . UFR B 1 8  ? -1.827  -5.554  1.931   1.00 31.85 ? 20   UFR B O2    1 
HETATM 403 N  N3    . UFR B 1 8  ? -0.093  -6.059  0.576   1.00 31.59 ? 20   UFR B N3    1 
HETATM 404 C  C4    . UFR B 1 8  ? 1.210   -6.388  0.307   1.00 33.67 ? 20   UFR B C4    1 
HETATM 405 O  O4    . UFR B 1 8  ? 1.531   -6.564  -0.873  1.00 35.32 ? 20   UFR B O4    1 
HETATM 406 C  C5    . UFR B 1 8  ? 2.094   -6.558  1.455   1.00 33.38 ? 20   UFR B C5    1 
HETATM 407 C  C6    . UFR B 1 8  ? 1.585   -6.338  2.682   1.00 31.82 ? 20   UFR B C6    1 
HETATM 408 C  C7    . UFR B 1 8  ? 3.568   -6.906  1.253   1.00 39.87 ? 20   UFR B C7    1 
HETATM 409 O  O5    A UFR B 1 8  ? 3.982   -7.335  0.141   0.50 39.67 ? 20   UFR B O5    1 
HETATM 410 O  O5    B UFR B 1 8  ? 4.349   -7.142  2.209   0.50 37.89 ? 20   UFR B O5    1 
ATOM   411 P  P     . DC  B 1 9  ? -1.780  -7.340  8.053   1.00 39.34 ? 21   DC  B P     1 
ATOM   412 O  OP1   . DC  B 1 9  ? -2.332  -6.798  9.301   1.00 42.50 ? 21   DC  B OP1   1 
ATOM   413 O  OP2   . DC  B 1 9  ? -0.863  -8.521  7.906   1.00 40.98 ? 21   DC  B OP2   1 
ATOM   414 O  "O5'" . DC  B 1 9  ? -2.970  -7.709  7.045   1.00 40.58 ? 21   DC  B "O5'" 1 
ATOM   415 C  "C5'" . DC  B 1 9  ? -3.899  -6.744  6.482   1.00 35.55 ? 21   DC  B "C5'" 1 
ATOM   416 C  "C4'" . DC  B 1 9  ? -4.732  -7.469  5.467   1.00 34.09 ? 21   DC  B "C4'" 1 
ATOM   417 O  "O4'" . DC  B 1 9  ? -4.038  -7.594  4.197   1.00 33.73 ? 21   DC  B "O4'" 1 
ATOM   418 C  "C3'" . DC  B 1 9  ? -5.207  -8.850  5.859   1.00 34.26 ? 21   DC  B "C3'" 1 
ATOM   419 O  "O3'" . DC  B 1 9  ? -6.649  -8.776  6.092   1.00 38.00 ? 21   DC  B "O3'" 1 
ATOM   420 C  "C2'" . DC  B 1 9  ? -4.824  -9.767  4.708   1.00 30.17 ? 21   DC  B "C2'" 1 
ATOM   421 C  "C1'" . DC  B 1 9  ? -4.488  -8.806  3.581   1.00 29.53 ? 21   DC  B "C1'" 1 
ATOM   422 N  N1    . DC  B 1 9  ? -3.308  -9.023  2.716   1.00 29.85 ? 21   DC  B N1    1 
ATOM   423 C  C2    . DC  B 1 9  ? -3.522  -8.924  1.324   1.00 30.39 ? 21   DC  B C2    1 
ATOM   424 O  O2    . DC  B 1 9  ? -4.665  -8.740  0.883   1.00 35.22 ? 21   DC  B O2    1 
ATOM   425 N  N3    . DC  B 1 9  ? -2.453  -9.075  0.489   1.00 30.69 ? 21   DC  B N3    1 
ATOM   426 C  C4    . DC  B 1 9  ? -1.222  -9.259  0.982   1.00 27.50 ? 21   DC  B C4    1 
ATOM   427 N  N4    . DC  B 1 9  ? -0.270  -9.355  0.044   1.00 28.95 ? 21   DC  B N4    1 
ATOM   428 C  C5    . DC  B 1 9  ? -0.964  -9.375  2.395   1.00 30.12 ? 21   DC  B C5    1 
ATOM   429 C  C6    . DC  B 1 9  ? -2.016  -9.251  3.235   1.00 24.09 ? 21   DC  B C6    1 
ATOM   430 P  P     . DG  B 1 10 ? -7.364  -9.955  6.894   1.00 40.63 ? 22   DG  B P     1 
ATOM   431 O  OP1   . DG  B 1 10 ? -8.659  -9.461  7.471   1.00 41.37 ? 22   DG  B OP1   1 
ATOM   432 O  OP2   . DG  B 1 10 ? -6.368  -10.685 7.715   1.00 41.44 ? 22   DG  B OP2   1 
ATOM   433 O  "O5'" . DG  B 1 10 ? -7.789  -10.929 5.707   1.00 38.79 ? 22   DG  B "O5'" 1 
ATOM   434 C  "C5'" . DG  B 1 10 ? -8.617  -10.444 4.622   1.00 37.27 ? 22   DG  B "C5'" 1 
ATOM   435 C  "C4'" . DG  B 1 10 ? -8.589  -11.507 3.523   1.00 34.92 ? 22   DG  B "C4'" 1 
ATOM   436 O  "O4'" . DG  B 1 10 ? -7.284  -11.462 2.897   1.00 33.85 ? 22   DG  B "O4'" 1 
ATOM   437 C  "C3'" . DG  B 1 10 ? -8.700  -12.924 4.062   1.00 37.18 ? 22   DG  B "C3'" 1 
ATOM   438 O  "O3'" . DG  B 1 10 ? -9.439  -13.554 3.127   1.00 39.04 ? 22   DG  B "O3'" 1 
ATOM   439 C  "C2'" . DG  B 1 10 ? -7.281  -13.507 4.078   1.00 35.44 ? 22   DG  B "C2'" 1 
ATOM   440 C  "C1'" . DG  B 1 10 ? -6.746  -12.788 2.845   1.00 33.05 ? 22   DG  B "C1'" 1 
ATOM   441 N  N9    . DG  B 1 10 ? -5.297  -12.698 2.627   1.00 30.91 ? 22   DG  B N9    1 
ATOM   442 C  C8    . DG  B 1 10 ? -4.217  -12.777 3.519   1.00 28.26 ? 22   DG  B C8    1 
ATOM   443 N  N7    . DG  B 1 10 ? -3.039  -12.613 2.943   1.00 27.58 ? 22   DG  B N7    1 
ATOM   444 C  C5    . DG  B 1 10 ? -3.353  -12.463 1.580   1.00 26.15 ? 22   DG  B C5    1 
ATOM   445 C  C6    . DG  B 1 10 ? -2.522  -12.272 0.431   1.00 26.43 ? 22   DG  B C6    1 
ATOM   446 O  O6    . DG  B 1 10 ? -1.280  -12.159 0.383   1.00 26.61 ? 22   DG  B O6    1 
ATOM   447 N  N1    . DG  B 1 10 ? -3.254  -12.123 -0.755  1.00 25.95 ? 22   DG  B N1    1 
ATOM   448 C  C2    . DG  B 1 10 ? -4.609  -12.161 -0.849  1.00 24.71 ? 22   DG  B C2    1 
ATOM   449 N  N2    . DG  B 1 10 ? -5.127  -12.024 -2.099  1.00 27.59 ? 22   DG  B N2    1 
ATOM   450 N  N3    . DG  B 1 10 ? -5.400  -12.370 0.196   1.00 25.59 ? 22   DG  B N3    1 
ATOM   451 C  C4    . DG  B 1 10 ? -4.731  -12.503 1.375   1.00 26.11 ? 22   DG  B C4    1 
ATOM   452 P  P     . DC  B 1 11 ? -10.745 -14.382 3.486   1.00 42.54 ? 23   DC  B P     1 
ATOM   453 O  OP1   . DC  B 1 11 ? -11.670 -13.361 4.097   1.00 40.43 ? 23   DC  B OP1   1 
ATOM   454 O  OP2   . DC  B 1 11 ? -10.464 -15.735 4.017   1.00 40.16 ? 23   DC  B OP2   1 
ATOM   455 O  "O5'" . DC  B 1 11 ? -11.239 -14.594 1.965   1.00 40.31 ? 23   DC  B "O5'" 1 
ATOM   456 C  "C5'" . DC  B 1 11 ? -11.392 -13.439 1.176   1.00 38.17 ? 23   DC  B "C5'" 1 
ATOM   457 C  "C4'" . DC  B 1 11 ? -11.055 -13.796 -0.268  1.00 40.78 ? 23   DC  B "C4'" 1 
ATOM   458 O  "O4'" . DC  B 1 11 ? -9.636  -13.904 -0.550  1.00 40.91 ? 23   DC  B "O4'" 1 
ATOM   459 C  "C3'" . DC  B 1 11 ? -11.631 -15.112 -0.728  1.00 40.88 ? 23   DC  B "C3'" 1 
ATOM   460 O  "O3'" . DC  B 1 11 ? -12.057 -14.821 -2.049  1.00 45.22 ? 23   DC  B "O3'" 1 
ATOM   461 C  "C2'" . DC  B 1 11 ? -10.458 -16.103 -0.638  1.00 35.44 ? 23   DC  B "C2'" 1 
ATOM   462 C  "C1'" . DC  B 1 11 ? -9.332  -15.189 -1.060  1.00 36.01 ? 23   DC  B "C1'" 1 
ATOM   463 N  N1    . DC  B 1 11 ? -7.966  -15.428 -0.465  1.00 32.49 ? 23   DC  B N1    1 
ATOM   464 C  C2    . DC  B 1 11 ? -6.817  -15.313 -1.281  1.00 30.75 ? 23   DC  B C2    1 
ATOM   465 O  O2    . DC  B 1 11 ? -6.913  -15.033 -2.516  1.00 27.68 ? 23   DC  B O2    1 
ATOM   466 N  N3    . DC  B 1 11 ? -5.600  -15.506 -0.688  1.00 23.87 ? 23   DC  B N3    1 
ATOM   467 C  C4    . DC  B 1 11 ? -5.536  -15.849 0.622   1.00 29.89 ? 23   DC  B C4    1 
ATOM   468 N  N4    . DC  B 1 11 ? -4.338  -15.985 1.163   1.00 26.94 ? 23   DC  B N4    1 
ATOM   469 C  C5    . DC  B 1 11 ? -6.692  -16.009 1.490   1.00 28.43 ? 23   DC  B C5    1 
ATOM   470 C  C6    . DC  B 1 11 ? -7.878  -15.765 0.889   1.00 32.38 ? 23   DC  B C6    1 
ATOM   471 P  P     . DG  B 1 12 ? -12.788 -15.992 -2.832  1.00 53.43 ? 24   DG  B P     1 
ATOM   472 O  OP1   . DG  B 1 12 ? -13.852 -15.347 -3.646  1.00 55.31 ? 24   DG  B OP1   1 
ATOM   473 O  OP2   . DG  B 1 12 ? -13.082 -17.186 -1.989  1.00 47.11 ? 24   DG  B OP2   1 
ATOM   474 O  "O5'" . DG  B 1 12 ? -11.587 -16.432 -3.818  1.00 50.96 ? 24   DG  B "O5'" 1 
ATOM   475 C  "C5'" . DG  B 1 12 ? -11.088 -15.798 -5.013  1.00 44.33 ? 24   DG  B "C5'" 1 
ATOM   476 C  "C4'" . DG  B 1 12 ? -10.193 -16.878 -5.632  1.00 41.24 ? 24   DG  B "C4'" 1 
ATOM   477 O  "O4'" . DG  B 1 12 ? -9.039  -17.112 -4.779  1.00 40.62 ? 24   DG  B "O4'" 1 
ATOM   478 C  "C3'" . DG  B 1 12 ? -10.861 -18.243 -5.730  1.00 41.20 ? 24   DG  B "C3'" 1 
ATOM   479 O  "O3'" . DG  B 1 12 ? -10.696 -18.702 -7.050  1.00 44.08 ? 24   DG  B "O3'" 1 
ATOM   480 C  "C2'" . DG  B 1 12 ? -10.135 -19.136 -4.732  1.00 36.42 ? 24   DG  B "C2'" 1 
ATOM   481 C  "C1'" . DG  B 1 12 ? -8.759  -18.485 -4.706  1.00 33.59 ? 24   DG  B "C1'" 1 
ATOM   482 N  N9    . DG  B 1 12 ? -8.008  -18.645 -3.444  1.00 29.37 ? 24   DG  B N9    1 
ATOM   483 C  C8    . DG  B 1 12 ? -8.555  -18.767 -2.166  1.00 28.07 ? 24   DG  B C8    1 
ATOM   484 N  N7    . DG  B 1 12 ? -7.620  -18.896 -1.243  1.00 28.18 ? 24   DG  B N7    1 
ATOM   485 C  C5    . DG  B 1 12 ? -6.429  -18.792 -1.946  1.00 25.24 ? 24   DG  B C5    1 
ATOM   486 C  C6    . DG  B 1 12 ? -5.111  -18.824 -1.444  1.00 28.27 ? 24   DG  B C6    1 
ATOM   487 O  O6    . DG  B 1 12 ? -4.769  -18.948 -0.248  1.00 27.72 ? 24   DG  B O6    1 
ATOM   488 N  N1    . DG  B 1 12 ? -4.147  -18.691 -2.416  1.00 22.39 ? 24   DG  B N1    1 
ATOM   489 C  C2    . DG  B 1 12 ? -4.414  -18.606 -3.743  1.00 23.62 ? 24   DG  B C2    1 
ATOM   490 N  N2    . DG  B 1 12 ? -3.309  -18.514 -4.452  1.00 21.89 ? 24   DG  B N2    1 
ATOM   491 N  N3    . DG  B 1 12 ? -5.666  -18.506 -4.278  1.00 24.37 ? 24   DG  B N3    1 
ATOM   492 C  C4    . DG  B 1 12 ? -6.639  -18.602 -3.301  1.00 26.97 ? 24   DG  B C4    1 
HETATM 493 O  O1    . HT  C 2 .  ? -5.818  -4.003  5.825   1.00 36.07 ? 25   HT  A O1    1 
HETATM 494 C  C1    . HT  C 2 .  ? -4.625  -3.430  5.821   1.00 31.00 ? 25   HT  A C1    1 
HETATM 495 C  C4    . HT  C 2 .  ? -2.167  -2.222  5.952   1.00 27.56 ? 25   HT  A C4    1 
HETATM 496 C  C2    . HT  C 2 .  ? -4.090  -3.080  7.075   1.00 29.64 ? 25   HT  A C2    1 
HETATM 497 C  C3    . HT  C 2 .  ? -2.861  -2.464  7.139   1.00 28.04 ? 25   HT  A C3    1 
HETATM 498 C  C6    . HT  C 2 .  ? -3.960  -3.212  4.603   1.00 27.37 ? 25   HT  A C6    1 
HETATM 499 C  C5    . HT  C 2 .  ? -2.712  -2.576  4.702   1.00 28.62 ? 25   HT  A C5    1 
HETATM 500 C  C7    . HT  C 2 .  ? -0.826  -1.583  6.158   1.00 28.10 ? 25   HT  A C7    1 
HETATM 501 N  N1    . HT  C 2 .  ? -0.133  -1.110  5.113   1.00 28.30 ? 25   HT  A N1    1 
HETATM 502 C  C8    . HT  C 2 .  ? 1.057   -0.645  5.585   1.00 30.01 ? 25   HT  A C8    1 
HETATM 503 C  C9    . HT  C 2 .  ? 1.040   -0.914  7.042   1.00 30.45 ? 25   HT  A C9    1 
HETATM 504 N  N2    . HT  C 2 .  ? -0.155  -1.506  7.309   1.00 30.03 ? 25   HT  A N2    1 
HETATM 505 C  C10   . HT  C 2 .  ? 2.128   -0.554  7.841   1.00 30.99 ? 25   HT  A C10   1 
HETATM 506 C  C11   . HT  C 2 .  ? 3.214   0.104   7.206   1.00 31.84 ? 25   HT  A C11   1 
HETATM 507 C  C12   . HT  C 2 .  ? 3.250   0.343   5.818   1.00 31.72 ? 25   HT  A C12   1 
HETATM 508 C  C13   . HT  C 2 .  ? 2.178   -0.039  4.996   1.00 28.35 ? 25   HT  A C13   1 
HETATM 509 C  C14   . HT  C 2 .  ? 4.477   1.003   5.273   1.00 35.27 ? 25   HT  A C14   1 
HETATM 510 N  N3    . HT  C 2 .  ? 4.347   1.774   4.158   1.00 34.34 ? 25   HT  A N3    1 
HETATM 511 C  C15   . HT  C 2 .  ? 5.580   2.267   3.871   1.00 36.56 ? 25   HT  A C15   1 
HETATM 512 C  C16   . HT  C 2 .  ? 6.514   1.772   4.922   1.00 39.67 ? 25   HT  A C16   1 
HETATM 513 N  N4    . HT  C 2 .  ? 5.750   1.003   5.769   1.00 36.73 ? 25   HT  A N4    1 
HETATM 514 C  C17   . HT  C 2 .  ? 7.868   2.156   4.885   1.00 39.80 ? 25   HT  A C17   1 
HETATM 515 C  C18   . HT  C 2 .  ? 8.350   2.985   3.875   1.00 41.73 ? 25   HT  A C18   1 
HETATM 516 C  C19   . HT  C 2 .  ? 7.476   3.457   2.867   1.00 43.66 ? 25   HT  A C19   1 
HETATM 517 C  C20   . HT  C 2 .  ? 6.110   3.084   2.886   1.00 37.94 ? 25   HT  A C20   1 
HETATM 518 N  N5    . HT  C 2 .  ? 7.914   4.280   1.776   1.00 43.16 ? 25   HT  A N5    1 
HETATM 519 C  C21   . HT  C 2 .  ? 9.362   4.199   1.495   1.00 46.22 ? 25   HT  A C21   1 
HETATM 520 C  C22   . HT  C 2 .  ? 9.681   5.025   0.246   1.00 45.39 ? 25   HT  A C22   1 
HETATM 521 N  N6    . HT  C 2 .  ? 9.280   6.438   0.451   1.00 48.03 ? 25   HT  A N6    1 
HETATM 522 C  C23   . HT  C 2 .  ? 7.827   6.580   0.685   1.00 46.08 ? 25   HT  A C23   1 
HETATM 523 C  C24   . HT  C 2 .  ? 7.327   5.655   1.808   1.00 44.75 ? 25   HT  A C24   1 
HETATM 524 C  C25   . HT  C 2 .  ? 9.690   7.253   -0.720  1.00 46.00 ? 25   HT  A C25   1 
HETATM 525 MG MG    . MG  D 3 .  ? -13.054 0.915   -0.316  1.00 26.66 ? 101  MG  A MG    1 
HETATM 526 O  O     . HOH E 4 .  ? -3.170  5.214   -1.601  1.00 19.92 ? 1001 HOH A O     1 
HETATM 527 O  O     . HOH E 4 .  ? 13.890  17.704  -2.921  1.00 48.43 ? 1002 HOH A O     1 
HETATM 528 O  O     . HOH E 4 .  ? -13.474 2.754   -0.624  1.00 25.43 ? 1003 HOH A O     1 
HETATM 529 O  O     . HOH E 4 .  ? -3.036  1.901   -3.931  1.00 26.47 ? 1004 HOH A O     1 
HETATM 530 O  O     . HOH E 4 .  ? -11.712 4.072   -2.497  1.00 35.07 ? 1006 HOH A O     1 
HETATM 531 O  O     . HOH E 4 .  ? 6.770   -0.193  7.782   1.00 39.64 ? 1007 HOH A O     1 
HETATM 532 O  O     . HOH E 4 .  ? 0.312   -5.629  -3.087  1.00 44.32 ? 1008 HOH A O     1 
HETATM 533 O  O     . HOH E 4 .  ? -12.398 0.857   -2.277  1.00 29.44 ? 1009 HOH A O     1 
HETATM 534 O  O     . HOH E 4 .  ? -12.733 -1.008  -0.156  1.00 24.54 ? 1010 HOH A O     1 
HETATM 535 O  O     . HOH E 4 .  ? -9.442  2.528   -1.324  1.00 33.55 ? 1012 HOH A O     1 
HETATM 536 O  O     . HOH E 4 .  ? -3.794  -0.860  -4.558  1.00 44.32 ? 1013 HOH A O     1 
HETATM 537 O  O     . HOH E 4 .  ? -7.404  2.896   1.729   1.00 25.19 ? 1015 HOH A O     1 
HETATM 538 O  O     . HOH E 4 .  ? -13.860 1.381   1.681   1.00 28.35 ? 1016 HOH A O     1 
HETATM 539 O  O     . HOH E 4 .  ? -2.403  8.694   3.199   1.00 31.86 ? 1019 HOH A O     1 
HETATM 540 O  O     . HOH E 4 .  ? 8.650   13.732  -3.167  1.00 40.47 ? 1020 HOH A O     1 
HETATM 541 O  O     . HOH E 4 .  ? -1.558  -4.515  -4.737  1.00 46.56 ? 1021 HOH A O     1 
HETATM 542 O  O     . HOH E 4 .  ? -4.392  4.924   5.581   1.00 37.88 ? 1023 HOH A O     1 
HETATM 543 O  O     . HOH E 4 .  ? 4.596   4.672   11.712  1.00 45.78 ? 1024 HOH A O     1 
HETATM 544 O  O     . HOH E 4 .  ? -7.178  -4.577  3.312   1.00 29.84 ? 1025 HOH A O     1 
HETATM 545 O  O     . HOH E 4 .  ? 17.006  15.286  1.581   1.00 52.18 ? 1028 HOH A O     1 
HETATM 546 O  O     . HOH E 4 .  ? -11.869 -5.954  -1.474  1.00 58.71 ? 1029 HOH A O     1 
HETATM 547 O  O     . HOH E 4 .  ? -10.928 -3.342  -8.081  1.00 53.19 ? 1031 HOH A O     1 
HETATM 548 O  O     . HOH E 4 .  ? -12.862 -0.241  3.795   1.00 30.63 ? 1032 HOH A O     1 
HETATM 549 O  O     . HOH E 4 .  ? 1.619   -8.213  -10.285 1.00 58.78 ? 1034 HOH A O     1 
HETATM 550 O  O     . HOH E 4 .  ? -2.113  5.277   10.752  1.00 42.37 ? 1035 HOH A O     1 
HETATM 551 O  O     . HOH E 4 .  ? -5.567  5.176   -2.882  1.00 43.01 ? 1037 HOH A O     1 
HETATM 552 O  O     . HOH E 4 .  ? 0.425   8.931   11.192  1.00 53.04 ? 1039 HOH A O     1 
HETATM 553 O  O     . HOH E 4 .  ? 2.088   9.570   6.487   1.00 53.85 ? 1040 HOH A O     1 
HETATM 554 O  O     . HOH E 4 .  ? 5.810   12.933  6.328   1.00 39.41 ? 1042 HOH A O     1 
HETATM 555 O  O     . HOH E 4 .  ? 11.949  15.725  -7.503  1.00 49.90 ? 1045 HOH A O     1 
HETATM 556 O  O     . HOH E 4 .  ? 10.597  12.424  5.153   1.00 50.05 ? 1048 HOH A O     1 
HETATM 557 O  O     . HOH E 4 .  ? -14.994 0.535   -0.990  1.00 25.72 ? 1050 HOH A O     1 
HETATM 558 O  O     . HOH E 4 .  ? -14.390 1.398   -4.197  1.00 37.45 ? 1052 HOH A O     1 
HETATM 559 O  O     . HOH E 4 .  ? 1.638   12.029  8.306   1.00 61.20 ? 1053 HOH A O     1 
HETATM 560 O  O     . HOH E 4 .  ? 14.815  15.704  2.827   1.00 60.66 ? 1054 HOH A O     1 
HETATM 561 O  O     . HOH E 4 .  ? 15.922  5.960   5.098   1.00 60.35 ? 1056 HOH A O     1 
HETATM 562 O  O     . HOH E 4 .  ? -0.032  7.130   7.832   1.00 50.52 ? 1057 HOH A O     1 
HETATM 563 O  O     . HOH E 4 .  ? 12.878  15.477  1.522   1.00 59.84 ? 1058 HOH A O     1 
HETATM 564 O  O     . HOH E 4 .  ? -11.172 1.471   0.068   1.00 20.46 ? 1060 HOH A O     1 
HETATM 565 O  O     . HOH E 4 .  ? 6.328   -18.737 -9.413  1.00 51.48 ? 1061 HOH A O     1 
HETATM 566 O  O     . HOH E 4 .  ? 10.672  13.622  -5.201  1.00 79.06 ? 1063 HOH A O     1 
HETATM 567 O  O     . HOH E 4 .  ? 10.040  10.149  8.229   1.00 57.76 ? 1066 HOH A O     1 
HETATM 568 O  O     . HOH E 4 .  ? -2.916  2.488   11.389  1.00 69.14 ? 1069 HOH A O     1 
HETATM 569 O  O     . HOH E 4 .  ? 0.048   10.430  4.466   1.00 39.52 ? 1070 HOH A O     1 
HETATM 570 O  O     . HOH E 4 .  ? 12.226  5.837   8.409   1.00 53.63 ? 1072 HOH A O     1 
HETATM 571 O  O     . HOH E 4 .  ? 20.345  12.608  2.913   1.00 53.06 ? 1074 HOH A O     1 
HETATM 572 O  O     . HOH E 4 .  ? -12.910 -2.446  1.999   1.00 40.60 ? 1075 HOH A O     1 
HETATM 573 O  O     . HOH E 4 .  ? -0.932  -1.635  -5.749  1.00 54.96 ? 1076 HOH A O     1 
HETATM 574 O  O     . HOH E 4 .  ? -0.312  -10.129 -13.963 1.00 63.52 ? 1077 HOH A O     1 
HETATM 575 O  O     . HOH E 4 .  ? 8.918   13.178  6.834   1.00 50.95 ? 1079 HOH A O     1 
HETATM 576 O  O     . HOH E 4 .  ? 7.804   4.462   -1.972  1.00 38.10 ? 1080 HOH A O     1 
HETATM 577 O  O     . HOH E 4 .  ? -15.459 -4.251  5.748   1.00 54.82 ? 1081 HOH A O     1 
HETATM 578 O  O     . HOH E 4 .  ? -0.386  -2.774  9.886   1.00 57.68 ? 1082 HOH A O     1 
HETATM 579 O  O     . HOH E 4 .  ? 15.833  11.986  -2.914  1.00 54.16 ? 1086 HOH A O     1 
HETATM 580 O  O     . HOH E 4 .  ? 2.525   0.543   10.829  1.00 54.81 ? 1087 HOH A O     1 
HETATM 581 O  O     . HOH E 4 .  ? -11.430 -4.315  2.472   1.00 52.25 ? 1088 HOH A O     1 
HETATM 582 O  O     . HOH E 4 .  ? -8.259  -6.518  -0.340  1.00 38.74 ? 1089 HOH A O     1 
HETATM 583 O  O     . HOH E 4 .  ? 6.515   10.706  8.218   1.00 49.42 ? 1090 HOH A O     1 
HETATM 584 O  O     . HOH E 4 .  ? -16.992 -0.789  5.711   1.00 43.25 ? 1093 HOH A O     1 
HETATM 585 O  O     . HOH E 4 .  ? -6.157  -0.866  9.830   1.00 56.95 ? 1094 HOH A O     1 
HETATM 586 O  O     . HOH E 4 .  ? -16.934 -1.082  2.570   1.00 43.94 ? 1096 HOH A O     1 
HETATM 587 O  O     . HOH E 4 .  ? -7.747  0.628   12.290  1.00 76.63 ? 1098 HOH A O     1 
HETATM 588 O  O     . HOH E 4 .  ? 3.972   8.793   8.659   1.00 53.31 ? 1099 HOH A O     1 
HETATM 589 O  O     . HOH E 4 .  ? 17.813  12.740  3.421   1.00 49.68 ? 1100 HOH A O     1 
HETATM 590 O  O     . HOH E 4 .  ? 12.400  16.584  8.251   1.00 69.86 ? 1101 HOH A O     1 
HETATM 591 O  O     . HOH E 4 .  ? 15.462  14.352  -10.608 1.00 61.99 ? 1102 HOH A O     1 
HETATM 592 O  O     . HOH E 4 .  ? -3.197  -4.623  -10.624 1.00 44.88 ? 1104 HOH A O     1 
HETATM 593 O  O     . HOH E 4 .  ? 11.271  1.136   6.715   1.00 61.75 ? 1106 HOH A O     1 
HETATM 594 O  O     . HOH E 4 .  ? -9.972  -0.384  7.123   1.00 44.23 ? 1107 HOH A O     1 
HETATM 595 O  O     . HOH E 4 .  ? -0.455  0.330   11.006  1.00 60.03 ? 1109 HOH A O     1 
HETATM 596 O  O     . HOH E 4 .  ? 10.737  3.933   6.885   1.00 50.84 ? 1110 HOH A O     1 
HETATM 597 O  O     . HOH E 4 .  ? -14.737 0.432   5.923   1.00 34.89 ? 1111 HOH A O     1 
HETATM 598 O  O     . HOH E 4 .  ? 11.093  15.139  3.425   1.00 63.31 ? 1114 HOH A O     1 
HETATM 599 O  O     . HOH E 4 .  ? 16.166  7.884   2.443   1.00 51.47 ? 1115 HOH A O     1 
HETATM 600 O  O     . HOH E 4 .  ? 1.561   -5.563  -6.631  1.00 57.52 ? 1116 HOH A O     1 
HETATM 601 O  O     . HOH E 4 .  ? -15.045 -1.011  -5.309  1.00 41.30 ? 1118 HOH A O     1 
HETATM 602 O  O     . HOH E 4 .  ? -10.525 -3.090  5.024   1.00 50.34 ? 1119 HOH A O     1 
HETATM 603 O  O     . HOH E 4 .  ? -5.066  6.331   0.953   1.00 39.77 ? 1120 HOH A O     1 
HETATM 604 O  O     . HOH E 4 .  ? -6.264  8.877   0.766   1.00 43.32 ? 1121 HOH A O     1 
HETATM 605 O  O     . HOH E 4 .  ? -7.046  -4.271  7.800   1.00 42.73 ? 1123 HOH A O     1 
HETATM 606 O  O     . HOH E 4 .  ? -6.315  -2.711  -6.162  1.00 66.15 ? 1124 HOH A O     1 
HETATM 607 O  O     . HOH F 4 .  ? 2.208   -10.194 1.230   1.00 24.27 ? 1005 HOH B O     1 
HETATM 608 O  O     . HOH F 4 .  ? -14.717 -17.267 1.605   1.00 46.78 ? 1011 HOH B O     1 
HETATM 609 O  O     . HOH F 4 .  ? 5.505   3.151   -0.981  1.00 29.32 ? 1014 HOH B O     1 
HETATM 610 O  O     . HOH F 4 .  ? -2.284  17.478  -7.925  1.00 37.59 ? 1017 HOH B O     1 
HETATM 611 O  O     . HOH F 4 .  ? 1.152   20.545  3.423   1.00 43.54 ? 1018 HOH B O     1 
HETATM 612 O  O     . HOH F 4 .  ? -2.985  10.806  -5.355  1.00 52.85 ? 1022 HOH B O     1 
HETATM 613 O  O     . HOH F 4 .  ? -4.314  -16.534 3.975   1.00 38.92 ? 1026 HOH B O     1 
HETATM 614 O  O     . HOH F 4 .  ? -1.102  18.410  6.370   1.00 51.00 ? 1027 HOH B O     1 
HETATM 615 O  O     . HOH F 4 .  ? 12.025  -0.497  -0.360  1.00 57.28 ? 1030 HOH B O     1 
HETATM 616 O  O     . HOH F 4 .  ? -4.431  -3.154  10.907  1.00 52.39 ? 1036 HOH B O     1 
HETATM 617 O  O     . HOH F 4 .  ? 11.164  -2.586  -0.616  1.00 43.10 ? 1038 HOH B O     1 
HETATM 618 O  O     . HOH F 4 .  ? 8.064   8.450   -8.391  1.00 48.66 ? 1041 HOH B O     1 
HETATM 619 O  O     . HOH F 4 .  ? -2.257  -4.570  10.304  1.00 55.88 ? 1043 HOH B O     1 
HETATM 620 O  O     . HOH F 4 .  ? -10.100 -9.940  10.566  1.00 41.41 ? 1044 HOH B O     1 
HETATM 621 O  O     . HOH F 4 .  ? -5.760  15.106  -5.521  1.00 49.20 ? 1046 HOH B O     1 
HETATM 622 O  O     . HOH F 4 .  ? 5.920   11.304  -10.657 1.00 38.96 ? 1047 HOH B O     1 
HETATM 623 O  O     . HOH F 4 .  ? -5.114  -5.419  9.826   1.00 53.46 ? 1049 HOH B O     1 
HETATM 624 O  O     . HOH F 4 .  ? -3.863  18.940  -9.780  1.00 38.97 ? 1051 HOH B O     1 
HETATM 625 O  O     . HOH F 4 .  ? 3.695   7.470   -11.620 1.00 42.71 ? 1055 HOH B O     1 
HETATM 626 O  O     . HOH F 4 .  ? -6.809  -10.621 10.729  1.00 61.10 ? 1059 HOH B O     1 
HETATM 627 O  O     . HOH F 4 .  ? -1.749  7.627   -4.441  1.00 49.67 ? 1062 HOH B O     1 
HETATM 628 O  O     . HOH F 4 .  ? 0.351   14.352  -11.061 1.00 46.77 ? 1064 HOH B O     1 
HETATM 629 O  O     . HOH F 4 .  ? -7.711  -8.821  1.185   1.00 42.95 ? 1065 HOH B O     1 
HETATM 630 O  O     . HOH F 4 .  ? 2.271   -10.614 3.867   1.00 46.24 ? 1067 HOH B O     1 
HETATM 631 O  O     . HOH F 4 .  ? 10.308  -7.690  0.985   1.00 53.17 ? 1068 HOH B O     1 
HETATM 632 O  O     . HOH F 4 .  ? 4.039   16.958  7.418   1.00 44.23 ? 1071 HOH B O     1 
HETATM 633 O  O     . HOH F 4 .  ? -3.033  10.731  0.895   1.00 37.45 ? 1073 HOH B O     1 
HETATM 634 O  O     . HOH F 4 .  ? 5.635   -7.043  -2.524  1.00 69.60 ? 1078 HOH B O     1 
HETATM 635 O  O     . HOH F 4 .  ? -1.214  13.074  2.989   1.00 52.10 ? 1083 HOH B O     1 
HETATM 636 O  O     . HOH F 4 .  ? -5.345  17.519  -5.484  1.00 53.63 ? 1084 HOH B O     1 
HETATM 637 O  O     . HOH F 4 .  ? -0.357  8.708   -12.484 1.00 55.64 ? 1085 HOH B O     1 
HETATM 638 O  O     . HOH F 4 .  ? -3.520  5.898   -5.927  1.00 65.21 ? 1091 HOH B O     1 
HETATM 639 O  O     . HOH F 4 .  ? -4.828  -13.227 6.619   1.00 49.30 ? 1092 HOH B O     1 
HETATM 640 O  O     . HOH F 4 .  ? 1.476   13.277  4.723   1.00 49.44 ? 1095 HOH B O     1 
HETATM 641 O  O     . HOH F 4 .  ? -6.554  12.652  -8.117  1.00 56.13 ? 1097 HOH B O     1 
HETATM 642 O  O     . HOH F 4 .  ? -4.847  14.635  -9.790  1.00 51.60 ? 1103 HOH B O     1 
HETATM 643 O  O     . HOH F 4 .  ? -6.104  16.274  3.094   1.00 55.46 ? 1105 HOH B O     1 
HETATM 644 O  O     . HOH F 4 .  ? 2.682   12.601  -10.593 1.00 78.09 ? 1108 HOH B O     1 
HETATM 645 O  O     . HOH F 4 .  ? 6.637   -5.631  1.788   1.00 45.48 ? 1112 HOH B O     1 
HETATM 646 O  O     . HOH F 4 .  ? -0.360  16.183  -9.638  1.00 44.66 ? 1113 HOH B O     1 
HETATM 647 O  O     . HOH F 4 .  ? -2.111  9.991   -14.532 1.00 52.90 ? 1117 HOH B O     1 
HETATM 648 O  O     . HOH F 4 .  ? -2.128  7.767   -1.852  1.00 32.15 ? 1122 HOH B O     1 
# 
loop_
_pdbx_poly_seq_scheme.asym_id 
_pdbx_poly_seq_scheme.entity_id 
_pdbx_poly_seq_scheme.seq_id 
_pdbx_poly_seq_scheme.mon_id 
_pdbx_poly_seq_scheme.ndb_seq_num 
_pdbx_poly_seq_scheme.pdb_seq_num 
_pdbx_poly_seq_scheme.auth_seq_num 
_pdbx_poly_seq_scheme.pdb_mon_id 
_pdbx_poly_seq_scheme.auth_mon_id 
_pdbx_poly_seq_scheme.pdb_strand_id 
_pdbx_poly_seq_scheme.pdb_ins_code 
_pdbx_poly_seq_scheme.hetero 
A 1 1  DC  1  1  1  DC  DC  A . n 
A 1 2  DG  2  2  2  DG  DG  A . n 
A 1 3  DC  3  3  3  DC  DC  A . n 
A 1 4  DG  4  4  4  DG  DG  A . n 
A 1 5  DG  5  5  5  DG  DG  A . n 
A 1 6  DA  6  6  6  DA  DA  A . n 
A 1 7  DT  7  7  7  DT  DT  A . n 
A 1 8  UFR 8  8  8  UFR UFR A . n 
A 1 9  DC  9  9  9  DC  DC  A . n 
A 1 10 DG  10 10 10 DG  DG  A . n 
A 1 11 DC  11 11 11 DC  DC  A . n 
A 1 12 DG  12 12 12 DG  DG  A . n 
B 1 1  DC  1  13 13 DC  DC  B . n 
B 1 2  DG  2  14 14 DG  DG  B . n 
B 1 3  DC  3  15 15 DC  DC  B . n 
B 1 4  DG  4  16 16 DG  DG  B . n 
B 1 5  DG  5  17 17 DG  DG  B . n 
B 1 6  DA  6  18 18 DA  DA  B . n 
B 1 7  DT  7  19 19 DT  DT  B . n 
B 1 8  UFR 8  20 20 UFR UFR B . n 
B 1 9  DC  9  21 21 DC  DC  B . n 
B 1 10 DG  10 22 22 DG  DG  B . n 
B 1 11 DC  11 23 23 DC  DC  B . n 
B 1 12 DG  12 24 24 DG  DG  B . n 
# 
loop_
_pdbx_nonpoly_scheme.asym_id 
_pdbx_nonpoly_scheme.entity_id 
_pdbx_nonpoly_scheme.mon_id 
_pdbx_nonpoly_scheme.ndb_seq_num 
_pdbx_nonpoly_scheme.pdb_seq_num 
_pdbx_nonpoly_scheme.auth_seq_num 
_pdbx_nonpoly_scheme.pdb_mon_id 
_pdbx_nonpoly_scheme.auth_mon_id 
_pdbx_nonpoly_scheme.pdb_strand_id 
_pdbx_nonpoly_scheme.pdb_ins_code 
C 2 HT  1  25   25   HT  HT  A . 
D 3 MG  1  101  101  MG  MG  A . 
E 4 HOH 1  1001 1001 HOH HOH A . 
E 4 HOH 2  1002 1002 HOH HOH A . 
E 4 HOH 3  1003 1003 HOH HOH A . 
E 4 HOH 4  1004 1004 HOH HOH A . 
E 4 HOH 5  1006 1006 HOH HOH A . 
E 4 HOH 6  1007 1007 HOH HOH A . 
E 4 HOH 7  1008 1008 HOH HOH A . 
E 4 HOH 8  1009 1009 HOH HOH A . 
E 4 HOH 9  1010 1010 HOH HOH A . 
E 4 HOH 10 1012 1012 HOH HOH A . 
E 4 HOH 11 1013 1013 HOH HOH A . 
E 4 HOH 12 1015 1015 HOH HOH A . 
E 4 HOH 13 1016 1016 HOH HOH A . 
E 4 HOH 14 1019 1019 HOH HOH A . 
E 4 HOH 15 1020 1020 HOH HOH A . 
E 4 HOH 16 1021 1021 HOH HOH A . 
E 4 HOH 17 1023 1023 HOH HOH A . 
E 4 HOH 18 1024 1024 HOH HOH A . 
E 4 HOH 19 1025 1025 HOH HOH A . 
E 4 HOH 20 1028 1028 HOH HOH A . 
E 4 HOH 21 1029 1029 HOH HOH A . 
E 4 HOH 22 1031 1031 HOH HOH A . 
E 4 HOH 23 1032 1032 HOH HOH A . 
E 4 HOH 24 1034 1034 HOH HOH A . 
E 4 HOH 25 1035 1035 HOH HOH A . 
E 4 HOH 26 1037 1037 HOH HOH A . 
E 4 HOH 27 1039 1039 HOH HOH A . 
E 4 HOH 28 1040 1040 HOH HOH A . 
E 4 HOH 29 1042 1042 HOH HOH A . 
E 4 HOH 30 1045 1045 HOH HOH A . 
E 4 HOH 31 1048 1048 HOH HOH A . 
E 4 HOH 32 1050 1050 HOH HOH A . 
E 4 HOH 33 1052 1052 HOH HOH A . 
E 4 HOH 34 1053 1053 HOH HOH A . 
E 4 HOH 35 1054 1054 HOH HOH A . 
E 4 HOH 36 1056 1056 HOH HOH A . 
E 4 HOH 37 1057 1057 HOH HOH A . 
E 4 HOH 38 1058 1058 HOH HOH A . 
E 4 HOH 39 1060 1060 HOH HOH A . 
E 4 HOH 40 1061 1061 HOH HOH A . 
E 4 HOH 41 1063 1063 HOH HOH A . 
E 4 HOH 42 1066 1066 HOH HOH A . 
E 4 HOH 43 1069 1069 HOH HOH A . 
E 4 HOH 44 1070 1070 HOH HOH A . 
E 4 HOH 45 1072 1072 HOH HOH A . 
E 4 HOH 46 1074 1074 HOH HOH A . 
E 4 HOH 47 1075 1075 HOH HOH A . 
E 4 HOH 48 1076 1076 HOH HOH A . 
E 4 HOH 49 1077 1077 HOH HOH A . 
E 4 HOH 50 1079 1079 HOH HOH A . 
E 4 HOH 51 1080 1080 HOH HOH A . 
E 4 HOH 52 1081 1081 HOH HOH A . 
E 4 HOH 53 1082 1082 HOH HOH A . 
E 4 HOH 54 1086 1086 HOH HOH A . 
E 4 HOH 55 1087 1087 HOH HOH A . 
E 4 HOH 56 1088 1088 HOH HOH A . 
E 4 HOH 57 1089 1089 HOH HOH A . 
E 4 HOH 58 1090 1090 HOH HOH A . 
E 4 HOH 59 1093 1093 HOH HOH A . 
E 4 HOH 60 1094 1094 HOH HOH A . 
E 4 HOH 61 1096 1096 HOH HOH A . 
E 4 HOH 62 1098 1098 HOH HOH A . 
E 4 HOH 63 1099 1099 HOH HOH A . 
E 4 HOH 64 1100 1100 HOH HOH A . 
E 4 HOH 65 1101 1101 HOH HOH A . 
E 4 HOH 66 1102 1102 HOH HOH A . 
E 4 HOH 67 1104 1104 HOH HOH A . 
E 4 HOH 68 1106 1106 HOH HOH A . 
E 4 HOH 69 1107 1107 HOH HOH A . 
E 4 HOH 70 1109 1109 HOH HOH A . 
E 4 HOH 71 1110 1110 HOH HOH A . 
E 4 HOH 72 1111 1111 HOH HOH A . 
E 4 HOH 73 1114 1114 HOH HOH A . 
E 4 HOH 74 1115 1115 HOH HOH A . 
E 4 HOH 75 1116 1116 HOH HOH A . 
E 4 HOH 76 1118 1118 HOH HOH A . 
E 4 HOH 77 1119 1119 HOH HOH A . 
E 4 HOH 78 1120 1120 HOH HOH A . 
E 4 HOH 79 1121 1121 HOH HOH A . 
E 4 HOH 80 1123 1123 HOH HOH A . 
E 4 HOH 81 1124 1124 HOH HOH A . 
F 4 HOH 1  1005 1005 HOH HOH B . 
F 4 HOH 2  1011 1011 HOH HOH B . 
F 4 HOH 3  1014 1014 HOH HOH B . 
F 4 HOH 4  1017 1017 HOH HOH B . 
F 4 HOH 5  1018 1018 HOH HOH B . 
F 4 HOH 6  1022 1022 HOH HOH B . 
F 4 HOH 7  1026 1026 HOH HOH B . 
F 4 HOH 8  1027 1027 HOH HOH B . 
F 4 HOH 9  1030 1030 HOH HOH B . 
F 4 HOH 10 1036 1036 HOH HOH B . 
F 4 HOH 11 1038 1038 HOH HOH B . 
F 4 HOH 12 1041 1041 HOH HOH B . 
F 4 HOH 13 1043 1043 HOH HOH B . 
F 4 HOH 14 1044 1044 HOH HOH B . 
F 4 HOH 15 1046 1046 HOH HOH B . 
F 4 HOH 16 1047 1047 HOH HOH B . 
F 4 HOH 17 1049 1049 HOH HOH B . 
F 4 HOH 18 1051 1051 HOH HOH B . 
F 4 HOH 19 1055 1055 HOH HOH B . 
F 4 HOH 20 1059 1059 HOH HOH B . 
F 4 HOH 21 1062 1062 HOH HOH B . 
F 4 HOH 22 1064 1064 HOH HOH B . 
F 4 HOH 23 1065 1065 HOH HOH B . 
F 4 HOH 24 1067 1067 HOH HOH B . 
F 4 HOH 25 1068 1068 HOH HOH B . 
F 4 HOH 26 1071 1071 HOH HOH B . 
F 4 HOH 27 1073 1073 HOH HOH B . 
F 4 HOH 28 1078 1078 HOH HOH B . 
F 4 HOH 29 1083 1083 HOH HOH B . 
F 4 HOH 30 1084 1084 HOH HOH B . 
F 4 HOH 31 1085 1085 HOH HOH B . 
F 4 HOH 32 1091 1091 HOH HOH B . 
F 4 HOH 33 1092 1092 HOH HOH B . 
F 4 HOH 34 1095 1095 HOH HOH B . 
F 4 HOH 35 1097 1097 HOH HOH B . 
F 4 HOH 36 1103 1103 HOH HOH B . 
F 4 HOH 37 1105 1105 HOH HOH B . 
F 4 HOH 38 1108 1108 HOH HOH B . 
F 4 HOH 39 1112 1112 HOH HOH B . 
F 4 HOH 40 1113 1113 HOH HOH B . 
F 4 HOH 41 1117 1117 HOH HOH B . 
F 4 HOH 42 1122 1122 HOH HOH B . 
# 
loop_
_pdbx_struct_mod_residue.id 
_pdbx_struct_mod_residue.label_asym_id 
_pdbx_struct_mod_residue.label_comp_id 
_pdbx_struct_mod_residue.label_seq_id 
_pdbx_struct_mod_residue.auth_asym_id 
_pdbx_struct_mod_residue.auth_comp_id 
_pdbx_struct_mod_residue.auth_seq_id 
_pdbx_struct_mod_residue.PDB_ins_code 
_pdbx_struct_mod_residue.parent_comp_id 
_pdbx_struct_mod_residue.details 
1 A UFR 8 A UFR 8  ? DU ? 
2 B UFR 8 B UFR 20 ? DU ? 
# 
_struct_site_keywords.site_id   1 
_struct_site_keywords.text      'MAJOR GROOVE BINDER' 
# 
_pdbx_struct_assembly.id                   1 
_pdbx_struct_assembly.details              author_and_software_defined_assembly 
_pdbx_struct_assembly.method_details       PISA 
_pdbx_struct_assembly.oligomeric_details   dimeric 
_pdbx_struct_assembly.oligomeric_count     2 
# 
_pdbx_struct_assembly_gen.assembly_id       1 
_pdbx_struct_assembly_gen.oper_expression   1 
_pdbx_struct_assembly_gen.asym_id_list      A,B,C,D,E,F 
# 
loop_
_pdbx_struct_assembly_prop.biol_id 
_pdbx_struct_assembly_prop.type 
_pdbx_struct_assembly_prop.value 
_pdbx_struct_assembly_prop.details 
1 'ABSA (A^2)' 2350 ? 
1 MORE         5    ? 
1 'SSA (A^2)'  4290 ? 
# 
_pdbx_struct_oper_list.id                   1 
_pdbx_struct_oper_list.type                 'identity operation' 
_pdbx_struct_oper_list.name                 1_555 
_pdbx_struct_oper_list.symmetry_operation   x,y,z 
_pdbx_struct_oper_list.matrix[1][1]         1.0000000000 
_pdbx_struct_oper_list.matrix[1][2]         0.0000000000 
_pdbx_struct_oper_list.matrix[1][3]         0.0000000000 
_pdbx_struct_oper_list.vector[1]            0.0000000000 
_pdbx_struct_oper_list.matrix[2][1]         0.0000000000 
_pdbx_struct_oper_list.matrix[2][2]         1.0000000000 
_pdbx_struct_oper_list.matrix[2][3]         0.0000000000 
_pdbx_struct_oper_list.vector[2]            0.0000000000 
_pdbx_struct_oper_list.matrix[3][1]         0.0000000000 
_pdbx_struct_oper_list.matrix[3][2]         0.0000000000 
_pdbx_struct_oper_list.matrix[3][3]         1.0000000000 
_pdbx_struct_oper_list.vector[3]            0.0000000000 
# 
loop_
_pdbx_struct_conn_angle.id 
_pdbx_struct_conn_angle.ptnr1_label_atom_id 
_pdbx_struct_conn_angle.ptnr1_label_alt_id 
_pdbx_struct_conn_angle.ptnr1_label_asym_id 
_pdbx_struct_conn_angle.ptnr1_label_comp_id 
_pdbx_struct_conn_angle.ptnr1_label_seq_id 
_pdbx_struct_conn_angle.ptnr1_auth_atom_id 
_pdbx_struct_conn_angle.ptnr1_auth_asym_id 
_pdbx_struct_conn_angle.ptnr1_auth_comp_id 
_pdbx_struct_conn_angle.ptnr1_auth_seq_id 
_pdbx_struct_conn_angle.ptnr1_PDB_ins_code 
_pdbx_struct_conn_angle.ptnr1_symmetry 
_pdbx_struct_conn_angle.ptnr2_label_atom_id 
_pdbx_struct_conn_angle.ptnr2_label_alt_id 
_pdbx_struct_conn_angle.ptnr2_label_asym_id 
_pdbx_struct_conn_angle.ptnr2_label_comp_id 
_pdbx_struct_conn_angle.ptnr2_label_seq_id 
_pdbx_struct_conn_angle.ptnr2_auth_atom_id 
_pdbx_struct_conn_angle.ptnr2_auth_asym_id 
_pdbx_struct_conn_angle.ptnr2_auth_comp_id 
_pdbx_struct_conn_angle.ptnr2_auth_seq_id 
_pdbx_struct_conn_angle.ptnr2_PDB_ins_code 
_pdbx_struct_conn_angle.ptnr2_symmetry 
_pdbx_struct_conn_angle.ptnr3_label_atom_id 
_pdbx_struct_conn_angle.ptnr3_label_alt_id 
_pdbx_struct_conn_angle.ptnr3_label_asym_id 
_pdbx_struct_conn_angle.ptnr3_label_comp_id 
_pdbx_struct_conn_angle.ptnr3_label_seq_id 
_pdbx_struct_conn_angle.ptnr3_auth_atom_id 
_pdbx_struct_conn_angle.ptnr3_auth_asym_id 
_pdbx_struct_conn_angle.ptnr3_auth_comp_id 
_pdbx_struct_conn_angle.ptnr3_auth_seq_id 
_pdbx_struct_conn_angle.ptnr3_PDB_ins_code 
_pdbx_struct_conn_angle.ptnr3_symmetry 
_pdbx_struct_conn_angle.value 
_pdbx_struct_conn_angle.value_esd 
1  O ? E HOH . ? A HOH 1003 ? 1_555 MG ? D MG . ? A MG 101 ? 1_555 O ? E HOH . ? A HOH 1009 ? 1_555 86.8  ? 
2  O ? E HOH . ? A HOH 1003 ? 1_555 MG ? D MG . ? A MG 101 ? 1_555 O ? E HOH . ? A HOH 1010 ? 1_555 174.3 ? 
3  O ? E HOH . ? A HOH 1009 ? 1_555 MG ? D MG . ? A MG 101 ? 1_555 O ? E HOH . ? A HOH 1010 ? 1_555 89.9  ? 
4  O ? E HOH . ? A HOH 1003 ? 1_555 MG ? D MG . ? A MG 101 ? 1_555 O ? E HOH . ? A HOH 1016 ? 1_555 82.1  ? 
5  O ? E HOH . ? A HOH 1009 ? 1_555 MG ? D MG . ? A MG 101 ? 1_555 O ? E HOH . ? A HOH 1016 ? 1_555 168.9 ? 
6  O ? E HOH . ? A HOH 1010 ? 1_555 MG ? D MG . ? A MG 101 ? 1_555 O ? E HOH . ? A HOH 1016 ? 1_555 101.2 ? 
7  O ? E HOH . ? A HOH 1003 ? 1_555 MG ? D MG . ? A MG 101 ? 1_555 O ? E HOH . ? A HOH 1050 ? 1_555 85.4  ? 
8  O ? E HOH . ? A HOH 1009 ? 1_555 MG ? D MG . ? A MG 101 ? 1_555 O ? E HOH . ? A HOH 1050 ? 1_555 89.1  ? 
9  O ? E HOH . ? A HOH 1010 ? 1_555 MG ? D MG . ? A MG 101 ? 1_555 O ? E HOH . ? A HOH 1050 ? 1_555 90.0  ? 
10 O ? E HOH . ? A HOH 1016 ? 1_555 MG ? D MG . ? A MG 101 ? 1_555 O ? E HOH . ? A HOH 1050 ? 1_555 89.5  ? 
11 O ? E HOH . ? A HOH 1003 ? 1_555 MG ? D MG . ? A MG 101 ? 1_555 O ? E HOH . ? A HOH 1060 ? 1_555 88.3  ? 
12 O ? E HOH . ? A HOH 1009 ? 1_555 MG ? D MG . ? A MG 101 ? 1_555 O ? E HOH . ? A HOH 1060 ? 1_555 83.8  ? 
13 O ? E HOH . ? A HOH 1010 ? 1_555 MG ? D MG . ? A MG 101 ? 1_555 O ? E HOH . ? A HOH 1060 ? 1_555 95.9  ? 
14 O ? E HOH . ? A HOH 1016 ? 1_555 MG ? D MG . ? A MG 101 ? 1_555 O ? E HOH . ? A HOH 1060 ? 1_555 96.4  ? 
15 O ? E HOH . ? A HOH 1050 ? 1_555 MG ? D MG . ? A MG 101 ? 1_555 O ? E HOH . ? A HOH 1060 ? 1_555 170.7 ? 
# 
loop_
_pdbx_audit_revision_history.ordinal 
_pdbx_audit_revision_history.data_content_type 
_pdbx_audit_revision_history.major_revision 
_pdbx_audit_revision_history.minor_revision 
_pdbx_audit_revision_history.revision_date 
1 'Structure model' 1 0 2011-04-27 
2 'Structure model' 1 1 2011-07-13 
3 'Structure model' 1 2 2023-11-01 
# 
_pdbx_audit_revision_details.ordinal             1 
_pdbx_audit_revision_details.revision_ordinal    1 
_pdbx_audit_revision_details.data_content_type   'Structure model' 
_pdbx_audit_revision_details.provider            repository 
_pdbx_audit_revision_details.type                'Initial release' 
_pdbx_audit_revision_details.description         ? 
_pdbx_audit_revision_details.details             ? 
# 
loop_
_pdbx_audit_revision_group.ordinal 
_pdbx_audit_revision_group.revision_ordinal 
_pdbx_audit_revision_group.data_content_type 
_pdbx_audit_revision_group.group 
1 2 'Structure model' 'Version format compliance' 
2 3 'Structure model' 'Data collection'           
3 3 'Structure model' 'Database references'       
4 3 'Structure model' 'Derived calculations'      
5 3 'Structure model' 'Refinement description'    
# 
loop_
_pdbx_audit_revision_category.ordinal 
_pdbx_audit_revision_category.revision_ordinal 
_pdbx_audit_revision_category.data_content_type 
_pdbx_audit_revision_category.category 
1 3 'Structure model' chem_comp_atom                
2 3 'Structure model' chem_comp_bond                
3 3 'Structure model' database_2                    
4 3 'Structure model' pdbx_initial_refinement_model 
5 3 'Structure model' pdbx_struct_conn_angle        
6 3 'Structure model' struct_conn                   
7 3 'Structure model' struct_site                   
# 
loop_
_pdbx_audit_revision_item.ordinal 
_pdbx_audit_revision_item.revision_ordinal 
_pdbx_audit_revision_item.data_content_type 
_pdbx_audit_revision_item.item 
1  3 'Structure model' '_database_2.pdbx_DOI'                      
2  3 'Structure model' '_database_2.pdbx_database_accession'       
3  3 'Structure model' '_pdbx_struct_conn_angle.ptnr1_auth_seq_id' 
4  3 'Structure model' '_pdbx_struct_conn_angle.ptnr3_auth_seq_id' 
5  3 'Structure model' '_pdbx_struct_conn_angle.value'             
6  3 'Structure model' '_struct_conn.pdbx_dist_value'              
7  3 'Structure model' '_struct_conn.pdbx_leaving_atom_flag'       
8  3 'Structure model' '_struct_conn.ptnr2_auth_seq_id'            
9  3 'Structure model' '_struct_site.pdbx_auth_asym_id'            
10 3 'Structure model' '_struct_site.pdbx_auth_comp_id'            
11 3 'Structure model' '_struct_site.pdbx_auth_seq_id'             
# 
loop_
_software.name 
_software.classification 
_software.version 
_software.citation_id 
_software.pdbx_ordinal 
ADSC   'data collection' Quantum  ? 1 
AMoRE  phasing           .        ? 2 
REFMAC refinement        5.5.0102 ? 3 
DPS    'data reduction'  .        ? 4 
# 
loop_
_pdbx_validate_close_contact.id 
_pdbx_validate_close_contact.PDB_model_num 
_pdbx_validate_close_contact.auth_atom_id_1 
_pdbx_validate_close_contact.auth_asym_id_1 
_pdbx_validate_close_contact.auth_comp_id_1 
_pdbx_validate_close_contact.auth_seq_id_1 
_pdbx_validate_close_contact.PDB_ins_code_1 
_pdbx_validate_close_contact.label_alt_id_1 
_pdbx_validate_close_contact.auth_atom_id_2 
_pdbx_validate_close_contact.auth_asym_id_2 
_pdbx_validate_close_contact.auth_comp_id_2 
_pdbx_validate_close_contact.auth_seq_id_2 
_pdbx_validate_close_contact.PDB_ins_code_2 
_pdbx_validate_close_contact.label_alt_id_2 
_pdbx_validate_close_contact.dist 
1 1 O5  A UFR 8  ? ? O A HOH 1120 ? ? 2.01 
2 1 OP2 A DG  12 ? ? O A HOH 1058 ? ? 2.10 
# 
loop_
_pdbx_validate_rmsd_bond.id 
_pdbx_validate_rmsd_bond.PDB_model_num 
_pdbx_validate_rmsd_bond.auth_atom_id_1 
_pdbx_validate_rmsd_bond.auth_asym_id_1 
_pdbx_validate_rmsd_bond.auth_comp_id_1 
_pdbx_validate_rmsd_bond.auth_seq_id_1 
_pdbx_validate_rmsd_bond.PDB_ins_code_1 
_pdbx_validate_rmsd_bond.label_alt_id_1 
_pdbx_validate_rmsd_bond.auth_atom_id_2 
_pdbx_validate_rmsd_bond.auth_asym_id_2 
_pdbx_validate_rmsd_bond.auth_comp_id_2 
_pdbx_validate_rmsd_bond.auth_seq_id_2 
_pdbx_validate_rmsd_bond.PDB_ins_code_2 
_pdbx_validate_rmsd_bond.label_alt_id_2 
_pdbx_validate_rmsd_bond.bond_value 
_pdbx_validate_rmsd_bond.bond_target_value 
_pdbx_validate_rmsd_bond.bond_deviation 
_pdbx_validate_rmsd_bond.bond_standard_deviation 
_pdbx_validate_rmsd_bond.linker_flag 
1  1 C2    A DG 5  ? ? N3    A DG 5  ? ? 1.375 1.323 0.052  0.008 N 
2  1 "O4'" A DG 10 ? ? "C4'" A DG 10 ? ? 1.514 1.449 0.065  0.009 N 
3  1 "O3'" A DG 10 ? ? "C3'" A DG 10 ? ? 1.369 1.419 -0.050 0.006 N 
4  1 "O3'" B DC 13 ? ? "C3'" B DC 13 ? ? 1.349 1.419 -0.070 0.006 N 
5  1 "O3'" B DC 15 ? ? "C3'" B DC 15 ? ? 1.375 1.419 -0.044 0.006 N 
6  1 N3    B DG 16 ? ? C4    B DG 16 ? ? 1.403 1.350 0.053  0.007 N 
7  1 C5    B DG 16 ? ? N7    B DG 16 ? ? 1.437 1.388 0.049  0.006 N 
8  1 "O3'" B DT 19 ? ? "C3'" B DT 19 ? ? 1.383 1.419 -0.036 0.006 N 
9  1 N1    B DC 21 ? ? C6    B DC 21 ? ? 1.411 1.367 0.044  0.006 N 
10 1 "O3'" B DG 22 ? ? "C3'" B DG 22 ? ? 1.348 1.419 -0.071 0.006 N 
# 
loop_
_pdbx_validate_rmsd_angle.id 
_pdbx_validate_rmsd_angle.PDB_model_num 
_pdbx_validate_rmsd_angle.auth_atom_id_1 
_pdbx_validate_rmsd_angle.auth_asym_id_1 
_pdbx_validate_rmsd_angle.auth_comp_id_1 
_pdbx_validate_rmsd_angle.auth_seq_id_1 
_pdbx_validate_rmsd_angle.PDB_ins_code_1 
_pdbx_validate_rmsd_angle.label_alt_id_1 
_pdbx_validate_rmsd_angle.auth_atom_id_2 
_pdbx_validate_rmsd_angle.auth_asym_id_2 
_pdbx_validate_rmsd_angle.auth_comp_id_2 
_pdbx_validate_rmsd_angle.auth_seq_id_2 
_pdbx_validate_rmsd_angle.PDB_ins_code_2 
_pdbx_validate_rmsd_angle.label_alt_id_2 
_pdbx_validate_rmsd_angle.auth_atom_id_3 
_pdbx_validate_rmsd_angle.auth_asym_id_3 
_pdbx_validate_rmsd_angle.auth_comp_id_3 
_pdbx_validate_rmsd_angle.auth_seq_id_3 
_pdbx_validate_rmsd_angle.PDB_ins_code_3 
_pdbx_validate_rmsd_angle.label_alt_id_3 
_pdbx_validate_rmsd_angle.angle_value 
_pdbx_validate_rmsd_angle.angle_target_value 
_pdbx_validate_rmsd_angle.angle_deviation 
_pdbx_validate_rmsd_angle.angle_standard_deviation 
_pdbx_validate_rmsd_angle.linker_flag 
1  1 "O5'" A DC 1  ? A "C5'" A DC 1  ? ? "C4'" A DC 1  ? ? 103.86 109.40 -5.54  0.80 N 
2  1 N3    A DC 1  ? ? C4    A DC 1  ? ? C5    A DC 1  ? ? 119.11 121.90 -2.79  0.40 N 
3  1 C2    A DG 2  ? ? N3    A DG 2  ? ? C4    A DG 2  ? ? 115.98 111.90 4.08   0.50 N 
4  1 "O4'" A DC 3  ? ? "C1'" A DC 3  ? ? N1    A DC 3  ? ? 103.67 108.00 -4.33  0.70 N 
5  1 N3    A DC 3  ? ? C2    A DC 3  ? ? O2    A DC 3  ? ? 126.38 121.90 4.48   0.70 N 
6  1 "O4'" A DG 4  ? ? "C1'" A DG 4  ? ? "C2'" A DG 4  ? ? 109.81 106.80 3.01   0.50 N 
7  1 "O4'" A DG 4  ? ? "C1'" A DG 4  ? ? N9    A DG 4  ? ? 116.24 108.30 7.94   0.30 N 
8  1 "O5'" A DG 5  ? ? "C5'" A DG 5  ? ? "C4'" A DG 5  ? ? 103.05 109.40 -6.35  0.80 N 
9  1 "O4'" A DG 5  ? ? "C1'" A DG 5  ? ? N9    A DG 5  ? ? 103.06 108.00 -4.94  0.70 N 
10 1 OP1   A DA 6  ? ? P     A DA 6  ? ? OP2   A DA 6  ? ? 129.20 119.60 9.60   1.50 N 
11 1 "O5'" A DA 6  ? ? P     A DA 6  ? ? OP2   A DA 6  ? ? 99.96  105.70 -5.74  0.90 N 
12 1 "O5'" A DA 6  ? ? "C5'" A DA 6  ? ? "C4'" A DA 6  ? ? 104.00 109.40 -5.40  0.80 N 
13 1 "O4'" A DA 6  ? ? "C1'" A DA 6  ? ? N9    A DA 6  ? ? 101.11 108.00 -6.89  0.70 N 
14 1 OP1   A DT 7  ? ? P     A DT 7  ? ? OP2   A DT 7  ? ? 128.93 119.60 9.33   1.50 N 
15 1 "O5'" A DT 7  ? ? P     A DT 7  ? ? OP2   A DT 7  ? ? 95.43  105.70 -10.27 0.90 N 
16 1 "O4'" A DC 9  ? ? "C1'" A DC 9  ? ? N1    A DC 9  ? ? 101.87 108.00 -6.13  0.70 N 
17 1 "O4'" A DG 10 ? ? "C1'" A DG 10 ? ? N9    A DG 10 ? ? 103.80 108.00 -4.20  0.70 N 
18 1 N1    A DG 12 ? ? C6    A DG 12 ? ? O6    A DG 12 ? ? 123.72 119.90 3.82   0.60 N 
19 1 C5    A DG 12 ? ? C6    A DG 12 ? ? O6    A DG 12 ? ? 123.08 128.60 -5.52  0.60 N 
20 1 "C3'" B DC 13 ? ? "C2'" B DC 13 ? ? "C1'" B DC 13 ? ? 95.57  102.40 -6.83  0.80 N 
21 1 "O4'" B DC 13 ? ? "C1'" B DC 13 ? ? N1    B DC 13 ? ? 111.02 108.30 2.72   0.30 N 
22 1 C6    B DC 13 ? ? N1    B DC 13 ? ? C2    B DC 13 ? ? 122.82 120.30 2.52   0.40 N 
23 1 "O4'" B DG 14 ? ? "C1'" B DG 14 ? ? N9    B DG 14 ? ? 102.31 108.00 -5.69  0.70 N 
24 1 N1    B DG 14 ? ? C6    B DG 14 ? ? O6    B DG 14 ? ? 123.50 119.90 3.60   0.60 N 
25 1 C5    B DG 14 ? ? C6    B DG 14 ? ? O6    B DG 14 ? ? 123.63 128.60 -4.97  0.60 N 
26 1 OP1   B DG 16 ? ? P     B DG 16 ? ? OP2   B DG 16 ? ? 128.87 119.60 9.27   1.50 N 
27 1 "O4'" B DG 17 ? ? "C1'" B DG 17 ? ? N9    B DG 17 ? ? 111.09 108.30 2.79   0.30 N 
28 1 C5    B DG 17 ? ? C6    B DG 17 ? ? O6    B DG 17 ? ? 124.05 128.60 -4.55  0.60 N 
29 1 OP1   B DT 19 ? ? P     B DT 19 ? ? OP2   B DT 19 ? ? 129.48 119.60 9.88   1.50 N 
30 1 "C1'" B DT 19 ? ? "O4'" B DT 19 ? ? "C4'" B DT 19 ? ? 103.16 110.10 -6.94  1.00 N 
31 1 "O4'" B DC 21 ? ? "C1'" B DC 21 ? ? N1    B DC 21 ? ? 97.17  108.00 -10.83 0.70 N 
32 1 "O4'" B DC 23 ? ? "C1'" B DC 23 ? ? N1    B DC 23 ? ? 101.34 108.00 -6.66  0.70 N 
33 1 N3    B DC 23 ? ? C4    B DC 23 ? ? C5    B DC 23 ? ? 124.55 121.90 2.65   0.40 N 
34 1 C4    B DC 23 ? ? C5    B DC 23 ? ? C6    B DC 23 ? ? 114.35 117.40 -3.05  0.50 N 
35 1 "O5'" B DG 24 ? ? "C5'" B DG 24 ? ? "C4'" B DG 24 ? ? 103.08 109.40 -6.32  0.80 N 
# 
loop_
_chem_comp_atom.comp_id 
_chem_comp_atom.atom_id 
_chem_comp_atom.type_symbol 
_chem_comp_atom.pdbx_aromatic_flag 
_chem_comp_atom.pdbx_stereo_config 
_chem_comp_atom.pdbx_ordinal 
DA  OP3    O  N N 1   
DA  P      P  N N 2   
DA  OP1    O  N N 3   
DA  OP2    O  N N 4   
DA  "O5'"  O  N N 5   
DA  "C5'"  C  N N 6   
DA  "C4'"  C  N R 7   
DA  "O4'"  O  N N 8   
DA  "C3'"  C  N S 9   
DA  "O3'"  O  N N 10  
DA  "C2'"  C  N N 11  
DA  "C1'"  C  N R 12  
DA  N9     N  Y N 13  
DA  C8     C  Y N 14  
DA  N7     N  Y N 15  
DA  C5     C  Y N 16  
DA  C6     C  Y N 17  
DA  N6     N  N N 18  
DA  N1     N  Y N 19  
DA  C2     C  Y N 20  
DA  N3     N  Y N 21  
DA  C4     C  Y N 22  
DA  HOP3   H  N N 23  
DA  HOP2   H  N N 24  
DA  "H5'"  H  N N 25  
DA  "H5''" H  N N 26  
DA  "H4'"  H  N N 27  
DA  "H3'"  H  N N 28  
DA  "HO3'" H  N N 29  
DA  "H2'"  H  N N 30  
DA  "H2''" H  N N 31  
DA  "H1'"  H  N N 32  
DA  H8     H  N N 33  
DA  H61    H  N N 34  
DA  H62    H  N N 35  
DA  H2     H  N N 36  
DC  OP3    O  N N 37  
DC  P      P  N N 38  
DC  OP1    O  N N 39  
DC  OP2    O  N N 40  
DC  "O5'"  O  N N 41  
DC  "C5'"  C  N N 42  
DC  "C4'"  C  N R 43  
DC  "O4'"  O  N N 44  
DC  "C3'"  C  N S 45  
DC  "O3'"  O  N N 46  
DC  "C2'"  C  N N 47  
DC  "C1'"  C  N R 48  
DC  N1     N  N N 49  
DC  C2     C  N N 50  
DC  O2     O  N N 51  
DC  N3     N  N N 52  
DC  C4     C  N N 53  
DC  N4     N  N N 54  
DC  C5     C  N N 55  
DC  C6     C  N N 56  
DC  HOP3   H  N N 57  
DC  HOP2   H  N N 58  
DC  "H5'"  H  N N 59  
DC  "H5''" H  N N 60  
DC  "H4'"  H  N N 61  
DC  "H3'"  H  N N 62  
DC  "HO3'" H  N N 63  
DC  "H2'"  H  N N 64  
DC  "H2''" H  N N 65  
DC  "H1'"  H  N N 66  
DC  H41    H  N N 67  
DC  H42    H  N N 68  
DC  H5     H  N N 69  
DC  H6     H  N N 70  
DG  OP3    O  N N 71  
DG  P      P  N N 72  
DG  OP1    O  N N 73  
DG  OP2    O  N N 74  
DG  "O5'"  O  N N 75  
DG  "C5'"  C  N N 76  
DG  "C4'"  C  N R 77  
DG  "O4'"  O  N N 78  
DG  "C3'"  C  N S 79  
DG  "O3'"  O  N N 80  
DG  "C2'"  C  N N 81  
DG  "C1'"  C  N R 82  
DG  N9     N  Y N 83  
DG  C8     C  Y N 84  
DG  N7     N  Y N 85  
DG  C5     C  Y N 86  
DG  C6     C  N N 87  
DG  O6     O  N N 88  
DG  N1     N  N N 89  
DG  C2     C  N N 90  
DG  N2     N  N N 91  
DG  N3     N  N N 92  
DG  C4     C  Y N 93  
DG  HOP3   H  N N 94  
DG  HOP2   H  N N 95  
DG  "H5'"  H  N N 96  
DG  "H5''" H  N N 97  
DG  "H4'"  H  N N 98  
DG  "H3'"  H  N N 99  
DG  "HO3'" H  N N 100 
DG  "H2'"  H  N N 101 
DG  "H2''" H  N N 102 
DG  "H1'"  H  N N 103 
DG  H8     H  N N 104 
DG  H1     H  N N 105 
DG  H21    H  N N 106 
DG  H22    H  N N 107 
DT  OP3    O  N N 108 
DT  P      P  N N 109 
DT  OP1    O  N N 110 
DT  OP2    O  N N 111 
DT  "O5'"  O  N N 112 
DT  "C5'"  C  N N 113 
DT  "C4'"  C  N R 114 
DT  "O4'"  O  N N 115 
DT  "C3'"  C  N S 116 
DT  "O3'"  O  N N 117 
DT  "C2'"  C  N N 118 
DT  "C1'"  C  N R 119 
DT  N1     N  N N 120 
DT  C2     C  N N 121 
DT  O2     O  N N 122 
DT  N3     N  N N 123 
DT  C4     C  N N 124 
DT  O4     O  N N 125 
DT  C5     C  N N 126 
DT  C7     C  N N 127 
DT  C6     C  N N 128 
DT  HOP3   H  N N 129 
DT  HOP2   H  N N 130 
DT  "H5'"  H  N N 131 
DT  "H5''" H  N N 132 
DT  "H4'"  H  N N 133 
DT  "H3'"  H  N N 134 
DT  "HO3'" H  N N 135 
DT  "H2'"  H  N N 136 
DT  "H2''" H  N N 137 
DT  "H1'"  H  N N 138 
DT  H3     H  N N 139 
DT  H71    H  N N 140 
DT  H72    H  N N 141 
DT  H73    H  N N 142 
DT  H6     H  N N 143 
HOH O      O  N N 144 
HOH H1     H  N N 145 
HOH H2     H  N N 146 
HT  O1     O  N N 147 
HT  C1     C  Y N 148 
HT  C4     C  Y N 149 
HT  C2     C  Y N 150 
HT  C3     C  Y N 151 
HT  C6     C  Y N 152 
HT  C5     C  Y N 153 
HT  C7     C  Y N 154 
HT  N1     N  Y N 155 
HT  C8     C  Y N 156 
HT  C9     C  Y N 157 
HT  N2     N  Y N 158 
HT  C10    C  Y N 159 
HT  C11    C  Y N 160 
HT  C12    C  Y N 161 
HT  C13    C  Y N 162 
HT  C14    C  Y N 163 
HT  N3     N  Y N 164 
HT  C15    C  Y N 165 
HT  C16    C  Y N 166 
HT  N4     N  Y N 167 
HT  C17    C  Y N 168 
HT  C18    C  Y N 169 
HT  C19    C  Y N 170 
HT  C20    C  Y N 171 
HT  N5     N  N N 172 
HT  C21    C  N N 173 
HT  C22    C  N N 174 
HT  N6     N  N N 175 
HT  C23    C  N N 176 
HT  C24    C  N N 177 
HT  C25    C  N N 178 
HT  HO1    H  N N 179 
HT  H2     H  N N 180 
HT  H3     H  N N 181 
HT  H5     H  N N 182 
HT  H6     H  N N 183 
HT  HN1    H  N N 184 
HT  H10    H  N N 185 
HT  H11    H  N N 186 
HT  H13    H  N N 187 
HT  HN3    H  N N 188 
HT  H17    H  N N 189 
HT  H18    H  N N 190 
HT  H20    H  N N 191 
HT  H211   H  N N 192 
HT  H212   H  N N 193 
HT  H221   H  N N 194 
HT  H222   H  N N 195 
HT  H231   H  N N 196 
HT  H232   H  N N 197 
HT  H241   H  N N 198 
HT  H242   H  N N 199 
HT  H253   H  N N 200 
HT  H252   H  N N 201 
HT  H251   H  N N 202 
MG  MG     MG N N 203 
UFR O3P    O  N N 204 
UFR P      P  N N 205 
UFR O1P    O  N N 206 
UFR O2P    O  N N 207 
UFR "O5'"  O  N N 208 
UFR "C5'"  C  N N 209 
UFR "C4'"  C  N R 210 
UFR "O4'"  O  N N 211 
UFR "C3'"  C  N S 212 
UFR "O3'"  O  N N 213 
UFR "C2'"  C  N N 214 
UFR "C1'"  C  N R 215 
UFR N1     N  N N 216 
UFR C2     C  N N 217 
UFR O2     O  N N 218 
UFR N3     N  N N 219 
UFR C4     C  N N 220 
UFR O4     O  N N 221 
UFR C5     C  N N 222 
UFR C6     C  N N 223 
UFR C7     C  N N 224 
UFR O5     O  N N 225 
UFR HO1P   H  N N 226 
UFR HO2P   H  N N 227 
UFR "H5'1" H  N N 228 
UFR "H5'2" H  N N 229 
UFR "H4'"  H  N N 230 
UFR "H3'"  H  N N 231 
UFR "HO3'" H  N N 232 
UFR "H2'1" H  N N 233 
UFR "H2'2" H  N N 234 
UFR "H1'"  H  N N 235 
UFR HN3    H  N N 236 
UFR H6     H  N N 237 
UFR H7     H  N N 238 
# 
loop_
_chem_comp_bond.comp_id 
_chem_comp_bond.atom_id_1 
_chem_comp_bond.atom_id_2 
_chem_comp_bond.value_order 
_chem_comp_bond.pdbx_aromatic_flag 
_chem_comp_bond.pdbx_stereo_config 
_chem_comp_bond.pdbx_ordinal 
DA  OP3   P      sing N N 1   
DA  OP3   HOP3   sing N N 2   
DA  P     OP1    doub N N 3   
DA  P     OP2    sing N N 4   
DA  P     "O5'"  sing N N 5   
DA  OP2   HOP2   sing N N 6   
DA  "O5'" "C5'"  sing N N 7   
DA  "C5'" "C4'"  sing N N 8   
DA  "C5'" "H5'"  sing N N 9   
DA  "C5'" "H5''" sing N N 10  
DA  "C4'" "O4'"  sing N N 11  
DA  "C4'" "C3'"  sing N N 12  
DA  "C4'" "H4'"  sing N N 13  
DA  "O4'" "C1'"  sing N N 14  
DA  "C3'" "O3'"  sing N N 15  
DA  "C3'" "C2'"  sing N N 16  
DA  "C3'" "H3'"  sing N N 17  
DA  "O3'" "HO3'" sing N N 18  
DA  "C2'" "C1'"  sing N N 19  
DA  "C2'" "H2'"  sing N N 20  
DA  "C2'" "H2''" sing N N 21  
DA  "C1'" N9     sing N N 22  
DA  "C1'" "H1'"  sing N N 23  
DA  N9    C8     sing Y N 24  
DA  N9    C4     sing Y N 25  
DA  C8    N7     doub Y N 26  
DA  C8    H8     sing N N 27  
DA  N7    C5     sing Y N 28  
DA  C5    C6     sing Y N 29  
DA  C5    C4     doub Y N 30  
DA  C6    N6     sing N N 31  
DA  C6    N1     doub Y N 32  
DA  N6    H61    sing N N 33  
DA  N6    H62    sing N N 34  
DA  N1    C2     sing Y N 35  
DA  C2    N3     doub Y N 36  
DA  C2    H2     sing N N 37  
DA  N3    C4     sing Y N 38  
DC  OP3   P      sing N N 39  
DC  OP3   HOP3   sing N N 40  
DC  P     OP1    doub N N 41  
DC  P     OP2    sing N N 42  
DC  P     "O5'"  sing N N 43  
DC  OP2   HOP2   sing N N 44  
DC  "O5'" "C5'"  sing N N 45  
DC  "C5'" "C4'"  sing N N 46  
DC  "C5'" "H5'"  sing N N 47  
DC  "C5'" "H5''" sing N N 48  
DC  "C4'" "O4'"  sing N N 49  
DC  "C4'" "C3'"  sing N N 50  
DC  "C4'" "H4'"  sing N N 51  
DC  "O4'" "C1'"  sing N N 52  
DC  "C3'" "O3'"  sing N N 53  
DC  "C3'" "C2'"  sing N N 54  
DC  "C3'" "H3'"  sing N N 55  
DC  "O3'" "HO3'" sing N N 56  
DC  "C2'" "C1'"  sing N N 57  
DC  "C2'" "H2'"  sing N N 58  
DC  "C2'" "H2''" sing N N 59  
DC  "C1'" N1     sing N N 60  
DC  "C1'" "H1'"  sing N N 61  
DC  N1    C2     sing N N 62  
DC  N1    C6     sing N N 63  
DC  C2    O2     doub N N 64  
DC  C2    N3     sing N N 65  
DC  N3    C4     doub N N 66  
DC  C4    N4     sing N N 67  
DC  C4    C5     sing N N 68  
DC  N4    H41    sing N N 69  
DC  N4    H42    sing N N 70  
DC  C5    C6     doub N N 71  
DC  C5    H5     sing N N 72  
DC  C6    H6     sing N N 73  
DG  OP3   P      sing N N 74  
DG  OP3   HOP3   sing N N 75  
DG  P     OP1    doub N N 76  
DG  P     OP2    sing N N 77  
DG  P     "O5'"  sing N N 78  
DG  OP2   HOP2   sing N N 79  
DG  "O5'" "C5'"  sing N N 80  
DG  "C5'" "C4'"  sing N N 81  
DG  "C5'" "H5'"  sing N N 82  
DG  "C5'" "H5''" sing N N 83  
DG  "C4'" "O4'"  sing N N 84  
DG  "C4'" "C3'"  sing N N 85  
DG  "C4'" "H4'"  sing N N 86  
DG  "O4'" "C1'"  sing N N 87  
DG  "C3'" "O3'"  sing N N 88  
DG  "C3'" "C2'"  sing N N 89  
DG  "C3'" "H3'"  sing N N 90  
DG  "O3'" "HO3'" sing N N 91  
DG  "C2'" "C1'"  sing N N 92  
DG  "C2'" "H2'"  sing N N 93  
DG  "C2'" "H2''" sing N N 94  
DG  "C1'" N9     sing N N 95  
DG  "C1'" "H1'"  sing N N 96  
DG  N9    C8     sing Y N 97  
DG  N9    C4     sing Y N 98  
DG  C8    N7     doub Y N 99  
DG  C8    H8     sing N N 100 
DG  N7    C5     sing Y N 101 
DG  C5    C6     sing N N 102 
DG  C5    C4     doub Y N 103 
DG  C6    O6     doub N N 104 
DG  C6    N1     sing N N 105 
DG  N1    C2     sing N N 106 
DG  N1    H1     sing N N 107 
DG  C2    N2     sing N N 108 
DG  C2    N3     doub N N 109 
DG  N2    H21    sing N N 110 
DG  N2    H22    sing N N 111 
DG  N3    C4     sing N N 112 
DT  OP3   P      sing N N 113 
DT  OP3   HOP3   sing N N 114 
DT  P     OP1    doub N N 115 
DT  P     OP2    sing N N 116 
DT  P     "O5'"  sing N N 117 
DT  OP2   HOP2   sing N N 118 
DT  "O5'" "C5'"  sing N N 119 
DT  "C5'" "C4'"  sing N N 120 
DT  "C5'" "H5'"  sing N N 121 
DT  "C5'" "H5''" sing N N 122 
DT  "C4'" "O4'"  sing N N 123 
DT  "C4'" "C3'"  sing N N 124 
DT  "C4'" "H4'"  sing N N 125 
DT  "O4'" "C1'"  sing N N 126 
DT  "C3'" "O3'"  sing N N 127 
DT  "C3'" "C2'"  sing N N 128 
DT  "C3'" "H3'"  sing N N 129 
DT  "O3'" "HO3'" sing N N 130 
DT  "C2'" "C1'"  sing N N 131 
DT  "C2'" "H2'"  sing N N 132 
DT  "C2'" "H2''" sing N N 133 
DT  "C1'" N1     sing N N 134 
DT  "C1'" "H1'"  sing N N 135 
DT  N1    C2     sing N N 136 
DT  N1    C6     sing N N 137 
DT  C2    O2     doub N N 138 
DT  C2    N3     sing N N 139 
DT  N3    C4     sing N N 140 
DT  N3    H3     sing N N 141 
DT  C4    O4     doub N N 142 
DT  C4    C5     sing N N 143 
DT  C5    C7     sing N N 144 
DT  C5    C6     doub N N 145 
DT  C7    H71    sing N N 146 
DT  C7    H72    sing N N 147 
DT  C7    H73    sing N N 148 
DT  C6    H6     sing N N 149 
HOH O     H1     sing N N 150 
HOH O     H2     sing N N 151 
HT  O1    C1     sing N N 152 
HT  O1    HO1    sing N N 153 
HT  C1    C2     doub Y N 154 
HT  C1    C6     sing Y N 155 
HT  C2    C3     sing Y N 156 
HT  C2    H2     sing N N 157 
HT  C3    C4     doub Y N 158 
HT  C3    H3     sing N N 159 
HT  C4    C5     sing Y N 160 
HT  C4    C7     sing Y N 161 
HT  C5    C6     doub Y N 162 
HT  C5    H5     sing N N 163 
HT  C6    H6     sing N N 164 
HT  C7    N1     sing Y N 165 
HT  C7    N2     doub Y N 166 
HT  N1    C8     sing Y N 167 
HT  N1    HN1    sing N N 168 
HT  C8    C9     doub Y N 169 
HT  C8    C13    sing Y N 170 
HT  C9    N2     sing Y N 171 
HT  C9    C10    sing Y N 172 
HT  C10   C11    doub Y N 173 
HT  C10   H10    sing N N 174 
HT  C11   C12    sing Y N 175 
HT  C11   H11    sing N N 176 
HT  C12   C13    doub Y N 177 
HT  C12   C14    sing Y N 178 
HT  C13   H13    sing N N 179 
HT  C14   N3     sing Y N 180 
HT  C14   N4     doub Y N 181 
HT  N3    C15    sing Y N 182 
HT  N3    HN3    sing N N 183 
HT  C15   C16    doub Y N 184 
HT  C15   C20    sing Y N 185 
HT  C16   N4     sing Y N 186 
HT  C16   C17    sing Y N 187 
HT  C17   C18    doub Y N 188 
HT  C17   H17    sing N N 189 
HT  C18   C19    sing Y N 190 
HT  C18   H18    sing N N 191 
HT  C19   C20    doub Y N 192 
HT  C19   N5     sing N N 193 
HT  C20   H20    sing N N 194 
HT  N5    C21    sing N N 195 
HT  N5    C24    sing N N 196 
HT  C21   C22    sing N N 197 
HT  C21   H211   sing N N 198 
HT  C21   H212   sing N N 199 
HT  C22   N6     sing N N 200 
HT  C22   H221   sing N N 201 
HT  C22   H222   sing N N 202 
HT  N6    C23    sing N N 203 
HT  N6    C25    sing N N 204 
HT  C23   C24    sing N N 205 
HT  C23   H231   sing N N 206 
HT  C23   H232   sing N N 207 
HT  C24   H241   sing N N 208 
HT  C24   H242   sing N N 209 
HT  C25   H253   sing N N 210 
HT  C25   H252   sing N N 211 
HT  C25   H251   sing N N 212 
UFR O3P   P      doub N N 213 
UFR P     O1P    sing N N 214 
UFR P     O2P    sing N N 215 
UFR P     "O5'"  sing N N 216 
UFR O1P   HO1P   sing N N 217 
UFR O2P   HO2P   sing N N 218 
UFR "O5'" "C5'"  sing N N 219 
UFR "C5'" "C4'"  sing N N 220 
UFR "C5'" "H5'1" sing N N 221 
UFR "C5'" "H5'2" sing N N 222 
UFR "C4'" "O4'"  sing N N 223 
UFR "C4'" "C3'"  sing N N 224 
UFR "C4'" "H4'"  sing N N 225 
UFR "O4'" "C1'"  sing N N 226 
UFR "C3'" "O3'"  sing N N 227 
UFR "C3'" "C2'"  sing N N 228 
UFR "C3'" "H3'"  sing N N 229 
UFR "O3'" "HO3'" sing N N 230 
UFR "C2'" "C1'"  sing N N 231 
UFR "C2'" "H2'1" sing N N 232 
UFR "C2'" "H2'2" sing N N 233 
UFR "C1'" N1     sing N N 234 
UFR "C1'" "H1'"  sing N N 235 
UFR N1    C2     sing N N 236 
UFR N1    C6     sing N N 237 
UFR C2    O2     doub N N 238 
UFR C2    N3     sing N N 239 
UFR N3    C4     sing N N 240 
UFR N3    HN3    sing N N 241 
UFR C4    O4     doub N N 242 
UFR C4    C5     sing N N 243 
UFR C5    C6     doub N N 244 
UFR C5    C7     sing N N 245 
UFR C6    H6     sing N N 246 
UFR C7    O5     doub N N 247 
UFR C7    H7     sing N N 248 
# 
loop_
_ndb_struct_conf_na.entry_id 
_ndb_struct_conf_na.feature 
3AJK 'b-form double helix'  
3AJK 'mismatched base pair' 
# 
loop_
_ndb_struct_na_base_pair.model_number 
_ndb_struct_na_base_pair.i_label_asym_id 
_ndb_struct_na_base_pair.i_label_comp_id 
_ndb_struct_na_base_pair.i_label_seq_id 
_ndb_struct_na_base_pair.i_symmetry 
_ndb_struct_na_base_pair.j_label_asym_id 
_ndb_struct_na_base_pair.j_label_comp_id 
_ndb_struct_na_base_pair.j_label_seq_id 
_ndb_struct_na_base_pair.j_symmetry 
_ndb_struct_na_base_pair.shear 
_ndb_struct_na_base_pair.stretch 
_ndb_struct_na_base_pair.stagger 
_ndb_struct_na_base_pair.buckle 
_ndb_struct_na_base_pair.propeller 
_ndb_struct_na_base_pair.opening 
_ndb_struct_na_base_pair.pair_number 
_ndb_struct_na_base_pair.pair_name 
_ndb_struct_na_base_pair.i_auth_asym_id 
_ndb_struct_na_base_pair.i_auth_seq_id 
_ndb_struct_na_base_pair.i_PDB_ins_code 
_ndb_struct_na_base_pair.j_auth_asym_id 
_ndb_struct_na_base_pair.j_auth_seq_id 
_ndb_struct_na_base_pair.j_PDB_ins_code 
_ndb_struct_na_base_pair.hbond_type_28 
_ndb_struct_na_base_pair.hbond_type_12 
1 A DC  1  1_555 B DG  12 1_555 0.322  -0.283 0.066  0.862   -13.905 -5.168 1  A_DC1:DG24_B  A 1  ? B 24 ? 19 1 
1 A DG  2  1_555 B DC  11 1_555 -0.156 -0.141 0.203  -4.235  -13.668 -1.930 2  A_DG2:DC23_B  A 2  ? B 23 ? 19 1 
1 A DC  3  1_555 B DG  10 1_555 0.311  -0.117 0.014  -4.785  -3.962  -0.002 3  A_DC3:DG22_B  A 3  ? B 22 ? 19 1 
1 A DG  4  1_555 B DC  9  1_555 -0.547 -0.274 0.280  10.617  -8.185  -0.467 4  A_DG4:DC21_B  A 4  ? B 21 ? 19 1 
1 A DG  5  1_555 B UFR 8  1_555 -2.078 -0.582 0.104  8.679   -14.641 -2.429 5  A_DG5:UFR20_B A 5  ? B 20 ? 28 1 
1 A DA  6  1_555 B DT  7  1_555 0.050  -0.205 -0.038 2.567   -20.805 3.777  6  A_DA6:DT19_B  A 6  ? B 19 ? 20 1 
1 A DT  7  1_555 B DA  6  1_555 0.064  -0.117 -0.056 -4.531  -21.014 0.977  7  A_DT7:DA18_B  A 7  ? B 18 ? 20 1 
1 A UFR 8  1_555 B DG  5  1_555 -2.242 0.000  -0.081 -10.557 -16.341 -7.519 8  A_UFR8:DG17_B A 8  ? B 17 ? ?  ? 
1 A DC  9  1_555 B DG  4  1_555 0.590  0.063  -0.092 -5.569  -8.990  3.460  9  A_DC9:DG16_B  A 9  ? B 16 ? 19 1 
1 A DG  10 1_555 B DC  3  1_555 -0.176 -0.121 0.123  8.392   -7.085  0.964  10 A_DG10:DC15_B A 10 ? B 15 ? 19 1 
1 A DC  11 1_555 B DG  2  1_555 0.159  -0.235 0.494  -2.586  -17.377 -1.172 11 A_DC11:DG14_B A 11 ? B 14 ? 19 1 
1 A DG  12 1_555 B DC  1  1_555 -0.031 -0.298 0.086  3.260   -5.636  -5.365 12 A_DG12:DC13_B A 12 ? B 13 ? 19 1 
# 
loop_
_ndb_struct_na_base_pair_step.model_number 
_ndb_struct_na_base_pair_step.i_label_asym_id_1 
_ndb_struct_na_base_pair_step.i_label_comp_id_1 
_ndb_struct_na_base_pair_step.i_label_seq_id_1 
_ndb_struct_na_base_pair_step.i_symmetry_1 
_ndb_struct_na_base_pair_step.j_label_asym_id_1 
_ndb_struct_na_base_pair_step.j_label_comp_id_1 
_ndb_struct_na_base_pair_step.j_label_seq_id_1 
_ndb_struct_na_base_pair_step.j_symmetry_1 
_ndb_struct_na_base_pair_step.i_label_asym_id_2 
_ndb_struct_na_base_pair_step.i_label_comp_id_2 
_ndb_struct_na_base_pair_step.i_label_seq_id_2 
_ndb_struct_na_base_pair_step.i_symmetry_2 
_ndb_struct_na_base_pair_step.j_label_asym_id_2 
_ndb_struct_na_base_pair_step.j_label_comp_id_2 
_ndb_struct_na_base_pair_step.j_label_seq_id_2 
_ndb_struct_na_base_pair_step.j_symmetry_2 
_ndb_struct_na_base_pair_step.shift 
_ndb_struct_na_base_pair_step.slide 
_ndb_struct_na_base_pair_step.rise 
_ndb_struct_na_base_pair_step.tilt 
_ndb_struct_na_base_pair_step.roll 
_ndb_struct_na_base_pair_step.twist 
_ndb_struct_na_base_pair_step.x_displacement 
_ndb_struct_na_base_pair_step.y_displacement 
_ndb_struct_na_base_pair_step.helical_rise 
_ndb_struct_na_base_pair_step.inclination 
_ndb_struct_na_base_pair_step.tip 
_ndb_struct_na_base_pair_step.helical_twist 
_ndb_struct_na_base_pair_step.step_number 
_ndb_struct_na_base_pair_step.step_name 
_ndb_struct_na_base_pair_step.i_auth_asym_id_1 
_ndb_struct_na_base_pair_step.i_auth_seq_id_1 
_ndb_struct_na_base_pair_step.i_PDB_ins_code_1 
_ndb_struct_na_base_pair_step.j_auth_asym_id_1 
_ndb_struct_na_base_pair_step.j_auth_seq_id_1 
_ndb_struct_na_base_pair_step.j_PDB_ins_code_1 
_ndb_struct_na_base_pair_step.i_auth_asym_id_2 
_ndb_struct_na_base_pair_step.i_auth_seq_id_2 
_ndb_struct_na_base_pair_step.i_PDB_ins_code_2 
_ndb_struct_na_base_pair_step.j_auth_asym_id_2 
_ndb_struct_na_base_pair_step.j_auth_seq_id_2 
_ndb_struct_na_base_pair_step.j_PDB_ins_code_2 
1 A DC  1  1_555 B DG  12 1_555 A DG  2  1_555 B DC  11 1_555 -0.020 0.260  3.391 -1.006 7.697  35.113 -0.727 -0.118 3.370 12.569  
1.643  35.934 1  AA_DC1DG2:DC23DG24_BB   A 1  ? B 24 ? A 2  ? B 23 ? 
1 A DG  2  1_555 B DC  11 1_555 A DC  3  1_555 B DG  10 1_555 0.993  0.761  3.354 2.675  -5.651 41.472 1.665  -1.104 3.282 -7.926  
-3.752 41.921 2  AA_DG2DC3:DG22DC23_BB   A 2  ? B 23 ? A 3  ? B 22 ? 
1 A DC  3  1_555 B DG  10 1_555 A DG  4  1_555 B DC  9  1_555 -0.377 1.058  3.059 1.182  8.775  22.839 -0.210 1.254  3.214 21.167  
-2.852 24.474 3  AA_DC3DG4:DC21DG22_BB   A 3  ? B 22 ? A 4  ? B 21 ? 
1 A DG  4  1_555 B DC  9  1_555 A DG  5  1_555 B UFR 8  1_555 -0.041 -0.576 3.198 -1.956 6.259  29.865 -2.285 -0.295 3.014 11.963  
3.739  30.561 4  AA_DG4DG5:UFR20DC21_BB  A 4  ? B 21 ? A 5  ? B 20 ? 
1 A DG  5  1_555 B UFR 8  1_555 A DA  6  1_555 B DT  7  1_555 0.078  -0.118 3.379 0.242  2.678  45.539 -0.395 -0.078 3.368 3.456   
-0.313 45.614 5  AA_DG5DA6:DT19UFR20_BB  A 5  ? B 20 ? A 6  ? B 19 ? 
1 A DA  6  1_555 B DT  7  1_555 A DT  7  1_555 B DA  6  1_555 -0.118 -0.542 3.356 0.491  0.003  32.809 -0.959 0.296  3.354 0.006   
-0.869 32.813 6  AA_DA6DT7:DA18DT19_BB   A 6  ? B 19 ? A 7  ? B 18 ? 
1 A DT  7  1_555 B DA  6  1_555 A UFR 8  1_555 B DG  5  1_555 0.296  0.004  3.164 3.538  -1.184 33.399 0.194  0.050  3.175 -2.052  
-6.132 33.601 7  AA_DT7UFR8:DG17DA18_BB  A 7  ? B 18 ? A 8  ? B 17 ? 
1 A UFR 8  1_555 B DG  5  1_555 A DC  9  1_555 B DG  4  1_555 0.146  0.330  3.387 -0.802 -0.396 40.448 0.523  -0.304 3.380 -0.573  
1.159  40.457 8  AA_UFR8DC9:DG16DG17_BB  A 8  ? B 17 ? A 9  ? B 16 ? 
1 A DC  9  1_555 B DG  4  1_555 A DG  10 1_555 B DC  3  1_555 -0.037 1.003  3.124 -1.716 8.768  28.592 0.125  -0.284 3.277 17.230  
3.372  29.927 9  AA_DC9DG10:DC15DG16_BB  A 9  ? B 16 ? A 10 ? B 15 ? 
1 A DG  10 1_555 B DC  3  1_555 A DC  11 1_555 B DG  2  1_555 -0.789 0.560  3.608 -5.297 -8.701 41.282 1.747  0.496  3.496 -12.120 
7.379  42.467 10 AA_DG10DC11:DG14DC15_BB A 10 ? B 15 ? A 11 ? B 14 ? 
1 A DC  11 1_555 B DG  2  1_555 A DG  12 1_555 B DC  1  1_555 0.511  0.571  3.205 5.615  3.049  37.172 0.490  -0.065 3.279 4.739   
-8.729 37.698 11 AA_DC11DG12:DC13DG14_BB A 11 ? B 14 ? A 12 ? B 13 ? 
# 
loop_
_pdbx_entity_nonpoly.entity_id 
_pdbx_entity_nonpoly.name 
_pdbx_entity_nonpoly.comp_id 
2 "2'-(4-HYDROXYPHENYL)-5-(4-METHYL-1-PIPERAZINYL)-2,5'-BI-BENZIMIDAZOLE" HT  
3 'MAGNESIUM ION'                                                         MG  
4 water                                                                   HOH 
# 
_pdbx_initial_refinement_model.id               1 
_pdbx_initial_refinement_model.entity_id_list   ? 
_pdbx_initial_refinement_model.type             'experimental model' 
_pdbx_initial_refinement_model.source_name      PDB 
_pdbx_initial_refinement_model.accession_code   355D 
_pdbx_initial_refinement_model.details          'PDB ENTRY 355D' 
# 
